data_5FET
#
_entry.id   5FET
#
_cell.length_a   190.520
_cell.length_b   117.250
_cell.length_c   67.420
_cell.angle_alpha   90.00
_cell.angle_beta   94.34
_cell.angle_gamma   90.00
#
_symmetry.space_group_name_H-M   'C 1 2 1'
#
loop_
_entity.id
_entity.type
_entity.pdbx_description
1 polymer 'cGMP-dependent protein kinase, putative'
2 non-polymer 4-[7-[(dimethylamino)methyl]-2-(4-fluorophenyl)imidazo[1,2-a]pyridin-3-yl]pyrimidin-2-amine
3 water water
#
_entity_poly.entity_id   1
_entity_poly.type   'polypeptide(L)'
_entity_poly.pdbx_seq_one_letter_code
;GMRCNERNKKKAIFSNDDFSGEDTLMEDHLQLREKLSEDIEMIKASLKNNLVCSTLNDNEILTLSNYMQFFVFKGGDLVI
KQGEKGSYFFIINSGKFDVYVNDKKVKSMGKGSSFGEAALIHNTQRSATIMAETDGTLWGVQRSTFRATLKQLSNRNFNE
NRSFIDSVSVFDMLTEAQKNMITNACVIQMFKPGETIVKQGDYGDVLFILKEGKATVFINDKEIRVLNKGSYFGERALLY
DEPRSATIIAKEPTACASICRKLLNIVLGNLQVVLFRNIMTEALQQSEIFRQFSAEQLNDLADTAIVRDYPANYHILHKD
KVKSVKYLIVLEGKVELFLDDESIGILTRGKSFGDQYVLNQKQKFRHTVKSLDVCKIALITESCLADCLGDNNIDASIDH
NNKKSIIKKMYIFRYLSEQQCNLLIEAFRTTRYEEGDYIIQEGEVGSRFYIIKNGEVEVTKNGKRLRTLGKNDYFGERAL
LYDEPRTASIISKATSVECWFVDKSVFLQIIQGPMLTHLEERIKMQDTKVEMHELETERIIGRGTFGTVKLVHHKPTQIR
YALKCVSKRSIISLNQQNNIKLEREITAENDHPFIIRLVRTFKDSNCFYFLTELVTGGELYDAIRKLGLLSKPQAQFYLG
SIILAIEYLHERNIVYRDLKPENILLDKQGYVKLIDFGCAKKIQGRAYTLVGTPHYMAPEVILGKGYGCTVDIWALGVCL
YEFICGPLPFGNDQEDQLEIFRDILTGQLTFPDYVSDQDSINLMKRLLCRLPQGRIGCSINGFKDIKEHAFFGNFNWDKL
AGRLLEPPLVSKGETYAEDIDIKQIEEEDALNEGEPLDGDDSWDVDF
;
_entity_poly.pdbx_strand_id   A
#
# COMPACT_ATOMS: atom_id res chain seq x y z
N ARG A 3 -11.71 -11.85 -61.83
CA ARG A 3 -10.39 -12.41 -61.59
C ARG A 3 -9.45 -11.33 -61.02
N CYS A 4 -8.94 -11.55 -59.79
CA CYS A 4 -8.03 -10.62 -59.10
C CYS A 4 -6.74 -11.34 -58.74
N ASN A 5 -5.59 -10.65 -58.88
CA ASN A 5 -4.26 -11.21 -58.55
C ASN A 5 -4.09 -11.37 -57.03
N GLU A 6 -4.56 -10.40 -56.23
CA GLU A 6 -4.47 -10.47 -54.76
C GLU A 6 -5.67 -11.23 -54.19
N LYS A 10 -6.52 -13.72 -49.89
CA LYS A 10 -7.26 -14.69 -49.09
C LYS A 10 -6.43 -15.17 -47.90
N LYS A 11 -7.08 -15.36 -46.73
CA LYS A 11 -6.42 -15.83 -45.50
C LYS A 11 -7.29 -16.87 -44.80
N ALA A 12 -6.68 -18.00 -44.38
CA ALA A 12 -7.39 -19.08 -43.70
C ALA A 12 -7.73 -18.73 -42.25
N ILE A 13 -8.76 -19.38 -41.69
CA ILE A 13 -9.22 -19.17 -40.31
C ILE A 13 -8.80 -20.37 -39.46
N PHE A 14 -8.50 -20.13 -38.16
CA PHE A 14 -8.07 -21.16 -37.20
C PHE A 14 -9.07 -21.23 -36.04
N GLY A 21 -10.12 -29.40 -22.82
CA GLY A 21 -9.91 -30.76 -22.33
C GLY A 21 -11.09 -31.27 -21.53
N GLU A 22 -11.20 -30.81 -20.27
CA GLU A 22 -12.28 -31.21 -19.36
C GLU A 22 -13.60 -30.52 -19.74
N ASP A 23 -13.54 -29.26 -20.23
CA ASP A 23 -14.73 -28.49 -20.63
C ASP A 23 -15.50 -29.19 -21.76
N THR A 24 -14.79 -29.76 -22.75
CA THR A 24 -15.42 -30.45 -23.88
C THR A 24 -16.14 -31.74 -23.45
N LEU A 25 -15.58 -32.46 -22.45
CA LEU A 25 -16.19 -33.71 -21.94
C LEU A 25 -17.46 -33.43 -21.13
N MET A 26 -17.44 -32.40 -20.26
CA MET A 26 -18.61 -32.04 -19.45
C MET A 26 -19.70 -31.36 -20.29
N GLU A 27 -19.33 -30.75 -21.42
CA GLU A 27 -20.29 -30.11 -22.35
C GLU A 27 -21.25 -31.17 -22.92
N ASP A 28 -20.77 -32.43 -23.12
CA ASP A 28 -21.58 -33.52 -23.65
C ASP A 28 -22.67 -33.96 -22.65
N HIS A 29 -22.34 -34.01 -21.35
CA HIS A 29 -23.28 -34.42 -20.30
C HIS A 29 -24.19 -33.27 -19.81
N LEU A 30 -23.99 -32.02 -20.27
CA LEU A 30 -24.78 -30.85 -19.87
C LEU A 30 -26.25 -30.97 -20.28
N GLN A 31 -27.17 -30.40 -19.48
CA GLN A 31 -28.61 -30.40 -19.75
C GLN A 31 -29.31 -29.28 -18.94
N LEU A 32 -30.34 -28.64 -19.52
CA LEU A 32 -31.06 -27.58 -18.82
C LEU A 32 -32.05 -28.13 -17.80
N ARG A 33 -32.29 -27.38 -16.72
CA ARG A 33 -33.22 -27.77 -15.65
C ARG A 33 -33.60 -26.55 -14.81
N GLU A 34 -34.88 -26.44 -14.40
CA GLU A 34 -35.36 -25.34 -13.58
C GLU A 34 -34.91 -25.54 -12.13
N LYS A 35 -34.29 -24.50 -11.53
CA LYS A 35 -33.80 -24.56 -10.15
C LYS A 35 -34.95 -24.46 -9.15
N LEU A 36 -35.40 -25.62 -8.63
CA LEU A 36 -36.50 -25.70 -7.66
C LEU A 36 -36.00 -25.37 -6.24
N SER A 37 -36.94 -25.18 -5.30
CA SER A 37 -36.62 -24.87 -3.91
C SER A 37 -35.89 -26.01 -3.20
N GLU A 38 -36.25 -27.27 -3.50
CA GLU A 38 -35.59 -28.44 -2.91
C GLU A 38 -34.13 -28.58 -3.38
N ASP A 39 -33.84 -28.18 -4.64
CA ASP A 39 -32.49 -28.24 -5.21
C ASP A 39 -31.58 -27.16 -4.62
N ILE A 40 -32.10 -25.94 -4.37
CA ILE A 40 -31.31 -24.84 -3.81
C ILE A 40 -30.89 -25.14 -2.35
N GLU A 41 -31.77 -25.80 -1.57
CA GLU A 41 -31.50 -26.13 -0.16
C GLU A 41 -30.28 -27.06 0.00
N MET A 42 -30.19 -28.12 -0.82
CA MET A 42 -29.06 -29.06 -0.75
C MET A 42 -27.75 -28.43 -1.22
N ILE A 43 -27.82 -27.43 -2.14
CA ILE A 43 -26.62 -26.73 -2.63
C ILE A 43 -26.09 -25.82 -1.53
N LYS A 44 -26.98 -25.06 -0.86
CA LYS A 44 -26.62 -24.19 0.25
C LYS A 44 -25.98 -24.99 1.40
N ALA A 45 -26.54 -26.18 1.70
CA ALA A 45 -26.04 -27.05 2.76
C ALA A 45 -24.64 -27.58 2.45
N SER A 46 -24.43 -28.09 1.22
CA SER A 46 -23.12 -28.62 0.81
C SER A 46 -22.08 -27.50 0.64
N LEU A 47 -22.49 -26.29 0.18
CA LEU A 47 -21.56 -25.16 0.02
C LEU A 47 -21.10 -24.60 1.38
N LYS A 48 -21.91 -24.76 2.45
CA LYS A 48 -21.49 -24.31 3.80
C LYS A 48 -20.32 -25.18 4.30
N ASN A 49 -20.30 -26.48 3.93
CA ASN A 49 -19.21 -27.39 4.29
C ASN A 49 -17.93 -27.13 3.46
N ASN A 50 -18.04 -26.39 2.32
CA ASN A 50 -16.91 -26.06 1.45
C ASN A 50 -15.93 -25.12 2.16
N LEU A 51 -14.67 -25.12 1.71
CA LEU A 51 -13.59 -24.35 2.32
C LEU A 51 -13.69 -22.83 2.08
N VAL A 52 -14.01 -22.40 0.84
CA VAL A 52 -14.06 -20.96 0.49
C VAL A 52 -15.46 -20.33 0.66
N CYS A 53 -16.54 -21.11 0.56
CA CYS A 53 -17.91 -20.58 0.68
C CYS A 53 -18.40 -20.51 2.16
N SER A 54 -17.60 -21.00 3.14
CA SER A 54 -17.98 -20.95 4.55
C SER A 54 -18.06 -19.50 5.08
N THR A 55 -17.14 -18.63 4.63
CA THR A 55 -17.11 -17.22 5.03
C THR A 55 -18.24 -16.38 4.40
N LEU A 56 -18.80 -16.83 3.26
CA LEU A 56 -19.85 -16.10 2.54
C LEU A 56 -21.21 -16.19 3.26
N ASN A 57 -22.03 -15.14 3.10
CA ASN A 57 -23.37 -15.08 3.70
C ASN A 57 -24.40 -15.83 2.83
N ASP A 58 -25.67 -15.91 3.28
CA ASP A 58 -26.74 -16.61 2.54
C ASP A 58 -27.06 -15.97 1.19
N ASN A 59 -27.06 -14.61 1.10
CA ASN A 59 -27.35 -13.91 -0.16
C ASN A 59 -26.26 -14.18 -1.20
N GLU A 60 -24.99 -14.29 -0.75
CA GLU A 60 -23.84 -14.58 -1.63
C GLU A 60 -23.88 -16.03 -2.10
N ILE A 61 -24.23 -16.98 -1.20
CA ILE A 61 -24.32 -18.41 -1.54
C ILE A 61 -25.55 -18.65 -2.44
N LEU A 62 -26.64 -17.88 -2.26
CA LEU A 62 -27.85 -18.00 -3.09
C LEU A 62 -27.55 -17.62 -4.56
N THR A 63 -26.62 -16.67 -4.80
CA THR A 63 -26.23 -16.25 -6.15
C THR A 63 -25.38 -17.36 -6.79
N LEU A 64 -24.40 -17.92 -6.05
CA LEU A 64 -23.54 -19.00 -6.53
C LEU A 64 -24.34 -20.27 -6.87
N SER A 65 -25.49 -20.50 -6.19
CA SER A 65 -26.36 -21.65 -6.45
C SER A 65 -27.04 -21.55 -7.82
N ASN A 66 -27.37 -20.32 -8.27
CA ASN A 66 -28.02 -20.11 -9.57
C ASN A 66 -27.07 -20.37 -10.76
N TYR A 67 -25.76 -20.09 -10.60
CA TYR A 67 -24.79 -20.33 -11.67
C TYR A 67 -24.37 -21.82 -11.78
N MET A 68 -24.76 -22.69 -10.82
CA MET A 68 -24.44 -24.13 -10.89
C MET A 68 -25.23 -24.78 -12.03
N GLN A 69 -24.53 -25.46 -12.94
CA GLN A 69 -25.14 -26.14 -14.09
C GLN A 69 -25.45 -27.61 -13.77
N PHE A 70 -26.56 -28.13 -14.33
CA PHE A 70 -27.00 -29.51 -14.12
C PHE A 70 -26.40 -30.43 -15.19
N PHE A 71 -25.79 -31.56 -14.78
CA PHE A 71 -25.18 -32.53 -15.70
C PHE A 71 -25.82 -33.90 -15.51
N VAL A 72 -26.27 -34.54 -16.61
CA VAL A 72 -26.92 -35.85 -16.60
C VAL A 72 -25.94 -36.92 -17.04
N PHE A 73 -25.78 -38.00 -16.24
CA PHE A 73 -24.88 -39.12 -16.53
C PHE A 73 -25.64 -40.45 -16.56
N LYS A 74 -25.00 -41.47 -17.15
CA LYS A 74 -25.54 -42.83 -17.26
C LYS A 74 -24.61 -43.80 -16.50
N GLY A 75 -25.13 -45.00 -16.21
CA GLY A 75 -24.38 -46.02 -15.50
C GLY A 75 -23.18 -46.54 -16.28
N GLY A 76 -21.98 -46.24 -15.79
CA GLY A 76 -20.73 -46.63 -16.41
C GLY A 76 -20.18 -45.57 -17.35
N ASP A 77 -20.11 -44.32 -16.87
CA ASP A 77 -19.60 -43.16 -17.61
C ASP A 77 -18.49 -42.49 -16.80
N LEU A 78 -17.37 -42.12 -17.47
CA LEU A 78 -16.23 -41.46 -16.81
C LEU A 78 -16.55 -39.99 -16.55
N VAL A 79 -16.33 -39.52 -15.31
CA VAL A 79 -16.57 -38.13 -14.90
C VAL A 79 -15.23 -37.40 -14.86
N ILE A 80 -14.28 -37.91 -14.05
CA ILE A 80 -12.96 -37.33 -13.84
C ILE A 80 -11.87 -38.28 -14.34
N LYS A 81 -10.74 -37.70 -14.80
CA LYS A 81 -9.57 -38.44 -15.29
C LYS A 81 -8.35 -38.09 -14.42
N GLN A 82 -7.54 -39.10 -14.06
CA GLN A 82 -6.35 -38.88 -13.21
C GLN A 82 -5.20 -38.35 -14.06
N GLY A 83 -4.61 -37.23 -13.62
CA GLY A 83 -3.52 -36.57 -14.33
C GLY A 83 -3.95 -35.40 -15.20
N GLU A 84 -5.25 -35.36 -15.60
CA GLU A 84 -5.78 -34.27 -16.44
C GLU A 84 -6.16 -33.08 -15.55
N LYS A 85 -6.08 -31.86 -16.11
CA LYS A 85 -6.37 -30.60 -15.41
C LYS A 85 -7.78 -30.58 -14.80
N GLY A 86 -7.89 -30.03 -13.58
CA GLY A 86 -9.14 -29.92 -12.84
C GLY A 86 -9.74 -28.53 -12.88
N SER A 87 -10.90 -28.39 -13.54
CA SER A 87 -11.62 -27.12 -13.68
C SER A 87 -13.01 -27.11 -13.01
N TYR A 88 -13.63 -28.29 -12.72
CA TYR A 88 -14.97 -28.35 -12.13
C TYR A 88 -15.00 -28.84 -10.67
N PHE A 89 -16.11 -28.50 -9.97
CA PHE A 89 -16.43 -28.90 -8.60
C PHE A 89 -17.89 -29.36 -8.62
N PHE A 90 -18.17 -30.64 -8.29
CA PHE A 90 -19.52 -31.20 -8.36
C PHE A 90 -20.13 -31.51 -7.00
N ILE A 91 -21.48 -31.48 -6.96
CA ILE A 91 -22.32 -31.82 -5.81
C ILE A 91 -23.30 -32.88 -6.34
N ILE A 92 -23.34 -34.07 -5.72
CA ILE A 92 -24.19 -35.17 -6.20
C ILE A 92 -25.67 -34.92 -5.85
N ASN A 93 -26.55 -35.08 -6.85
CA ASN A 93 -28.00 -34.91 -6.72
C ASN A 93 -28.69 -36.27 -6.55
N SER A 94 -28.38 -37.23 -7.46
CA SER A 94 -28.95 -38.57 -7.45
C SER A 94 -27.94 -39.62 -7.91
N GLY A 95 -28.26 -40.89 -7.65
CA GLY A 95 -27.41 -42.00 -8.03
C GLY A 95 -26.19 -42.17 -7.14
N LYS A 96 -25.17 -42.90 -7.64
CA LYS A 96 -23.92 -43.16 -6.91
C LYS A 96 -22.71 -43.06 -7.84
N PHE A 97 -21.58 -42.59 -7.30
CA PHE A 97 -20.32 -42.41 -8.03
C PHE A 97 -19.17 -43.03 -7.25
N ASP A 98 -18.55 -44.10 -7.80
CA ASP A 98 -17.45 -44.81 -7.15
C ASP A 98 -16.10 -44.12 -7.46
N VAL A 99 -15.27 -43.91 -6.43
CA VAL A 99 -13.95 -43.28 -6.56
C VAL A 99 -12.90 -44.38 -6.67
N TYR A 100 -12.13 -44.40 -7.78
CA TYR A 100 -11.07 -45.39 -8.01
C TYR A 100 -9.71 -44.71 -8.10
N VAL A 101 -8.72 -45.18 -7.32
CA VAL A 101 -7.36 -44.63 -7.29
C VAL A 101 -6.36 -45.72 -7.70
N ASN A 102 -5.59 -45.47 -8.78
CA ASN A 102 -4.58 -46.40 -9.33
C ASN A 102 -5.23 -47.75 -9.73
N ASP A 103 -6.34 -47.67 -10.49
CA ASP A 103 -7.13 -48.82 -10.97
C ASP A 103 -7.58 -49.74 -9.80
N LYS A 104 -8.03 -49.12 -8.69
CA LYS A 104 -8.51 -49.84 -7.50
C LYS A 104 -9.53 -48.97 -6.75
N LYS A 105 -10.67 -49.56 -6.34
CA LYS A 105 -11.75 -48.84 -5.64
C LYS A 105 -11.30 -48.27 -4.29
N VAL A 106 -11.84 -47.09 -3.92
CA VAL A 106 -11.51 -46.40 -2.67
C VAL A 106 -12.76 -46.12 -1.83
N LYS A 107 -13.77 -45.42 -2.39
CA LYS A 107 -15.02 -45.09 -1.68
C LYS A 107 -16.21 -44.88 -2.63
N SER A 108 -17.43 -45.05 -2.09
CA SER A 108 -18.69 -44.87 -2.83
C SER A 108 -19.44 -43.67 -2.26
N MET A 109 -19.84 -42.72 -3.13
CA MET A 109 -20.54 -41.49 -2.73
C MET A 109 -22.03 -41.53 -3.08
N GLY A 110 -22.78 -40.58 -2.52
CA GLY A 110 -24.21 -40.43 -2.74
C GLY A 110 -24.69 -38.99 -2.61
N LYS A 111 -26.02 -38.78 -2.55
CA LYS A 111 -26.63 -37.45 -2.44
C LYS A 111 -26.12 -36.68 -1.21
N GLY A 112 -25.78 -35.41 -1.40
CA GLY A 112 -25.28 -34.54 -0.33
C GLY A 112 -23.78 -34.29 -0.38
N SER A 113 -23.00 -35.32 -0.76
CA SER A 113 -21.54 -35.22 -0.84
C SER A 113 -21.07 -34.37 -2.02
N SER A 114 -19.74 -34.13 -2.09
CA SER A 114 -19.13 -33.33 -3.16
C SER A 114 -17.68 -33.75 -3.43
N PHE A 115 -17.11 -33.28 -4.56
CA PHE A 115 -15.73 -33.59 -4.94
C PHE A 115 -15.16 -32.56 -5.92
N GLY A 116 -13.83 -32.55 -6.02
CA GLY A 116 -13.10 -31.62 -6.88
C GLY A 116 -13.05 -30.21 -6.32
N GLU A 117 -12.80 -30.10 -5.01
CA GLU A 117 -12.76 -28.82 -4.28
C GLU A 117 -11.56 -27.95 -4.69
N ALA A 118 -10.39 -28.57 -4.94
CA ALA A 118 -9.17 -27.85 -5.31
C ALA A 118 -9.26 -27.12 -6.66
N ALA A 119 -10.11 -27.60 -7.58
CA ALA A 119 -10.27 -26.99 -8.91
C ALA A 119 -10.78 -25.55 -8.86
N LEU A 120 -11.58 -25.18 -7.84
CA LEU A 120 -12.11 -23.82 -7.70
C LEU A 120 -11.03 -22.80 -7.35
N ILE A 121 -10.03 -23.19 -6.53
CA ILE A 121 -8.97 -22.28 -6.10
C ILE A 121 -7.90 -22.14 -7.20
N HIS A 122 -7.43 -23.27 -7.77
CA HIS A 122 -6.37 -23.26 -8.78
CA HIS A 122 -6.37 -23.27 -8.78
C HIS A 122 -6.47 -24.49 -9.70
N ASN A 123 -5.86 -24.41 -10.89
CA ASN A 123 -5.83 -25.52 -11.86
C ASN A 123 -4.84 -26.57 -11.35
N THR A 124 -5.33 -27.81 -11.11
CA THR A 124 -4.49 -28.90 -10.60
C THR A 124 -4.88 -30.25 -11.23
N GLN A 125 -3.90 -31.16 -11.34
CA GLN A 125 -4.13 -32.50 -11.88
C GLN A 125 -4.76 -33.37 -10.79
N ARG A 126 -5.85 -34.08 -11.11
CA ARG A 126 -6.53 -34.92 -10.12
C ARG A 126 -5.73 -36.19 -9.80
N SER A 127 -5.89 -36.68 -8.56
CA SER A 127 -5.19 -37.87 -8.07
C SER A 127 -5.92 -39.16 -8.45
N ALA A 128 -7.21 -39.25 -8.10
CA ALA A 128 -8.04 -40.43 -8.34
C ALA A 128 -9.14 -40.20 -9.39
N THR A 129 -9.58 -41.28 -10.05
CA THR A 129 -10.65 -41.23 -11.06
C THR A 129 -12.01 -41.43 -10.39
N ILE A 130 -13.07 -40.85 -10.97
CA ILE A 130 -14.44 -40.95 -10.48
C ILE A 130 -15.34 -41.41 -11.64
N MET A 131 -15.98 -42.59 -11.51
CA MET A 131 -16.86 -43.16 -12.53
C MET A 131 -18.25 -43.36 -11.93
N ALA A 132 -19.30 -43.16 -12.74
CA ALA A 132 -20.68 -43.33 -12.29
C ALA A 132 -21.03 -44.82 -12.24
N GLU A 133 -21.21 -45.38 -11.02
CA GLU A 133 -21.55 -46.79 -10.84
C GLU A 133 -23.01 -47.02 -11.22
N THR A 134 -23.92 -46.17 -10.71
CA THR A 134 -25.36 -46.21 -10.99
C THR A 134 -25.74 -44.97 -11.80
N ASP A 135 -26.96 -44.96 -12.39
CA ASP A 135 -27.43 -43.81 -13.18
C ASP A 135 -27.71 -42.64 -12.23
N GLY A 136 -26.92 -41.58 -12.36
CA GLY A 136 -27.03 -40.39 -11.51
C GLY A 136 -26.86 -39.09 -12.24
N THR A 137 -27.00 -37.96 -11.51
CA THR A 137 -26.86 -36.61 -12.03
C THR A 137 -26.05 -35.75 -11.05
N LEU A 138 -25.35 -34.71 -11.57
CA LEU A 138 -24.51 -33.81 -10.76
C LEU A 138 -24.90 -32.33 -10.93
N TRP A 139 -24.49 -31.51 -9.95
CA TRP A 139 -24.67 -30.05 -9.95
C TRP A 139 -23.25 -29.47 -9.93
N GLY A 140 -22.74 -29.09 -11.09
CA GLY A 140 -21.37 -28.60 -11.24
C GLY A 140 -21.22 -27.12 -11.55
N VAL A 141 -20.02 -26.59 -11.30
CA VAL A 141 -19.65 -25.19 -11.56
C VAL A 141 -18.16 -25.14 -11.92
N GLN A 142 -17.80 -24.33 -12.93
CA GLN A 142 -16.42 -24.21 -13.42
C GLN A 142 -15.62 -23.19 -12.59
N ARG A 143 -14.27 -23.27 -12.64
CA ARG A 143 -13.37 -22.35 -11.93
C ARG A 143 -13.57 -20.91 -12.40
N SER A 144 -13.54 -20.70 -13.72
CA SER A 144 -13.72 -19.38 -14.33
C SER A 144 -15.06 -18.77 -13.94
N THR A 145 -16.15 -19.55 -14.02
CA THR A 145 -17.50 -19.09 -13.65
C THR A 145 -17.59 -18.82 -12.15
N PHE A 146 -17.00 -19.69 -11.32
CA PHE A 146 -17.03 -19.55 -9.85
C PHE A 146 -16.22 -18.34 -9.39
N ARG A 147 -14.95 -18.24 -9.80
CA ARG A 147 -14.08 -17.12 -9.42
C ARG A 147 -14.59 -15.77 -9.93
N ALA A 148 -15.23 -15.75 -11.12
CA ALA A 148 -15.81 -14.53 -11.69
C ALA A 148 -17.04 -14.09 -10.89
N THR A 149 -17.84 -15.03 -10.36
CA THR A 149 -19.03 -14.71 -9.57
C THR A 149 -18.62 -14.12 -8.21
N LEU A 150 -17.53 -14.65 -7.59
CA LEU A 150 -17.01 -14.12 -6.32
C LEU A 150 -16.51 -12.69 -6.52
N LYS A 151 -15.77 -12.46 -7.63
CA LYS A 151 -15.24 -11.15 -7.99
C LYS A 151 -16.36 -10.13 -8.14
N GLN A 152 -17.44 -10.50 -8.87
CA GLN A 152 -18.57 -9.61 -9.09
C GLN A 152 -19.35 -9.33 -7.79
N LEU A 153 -19.62 -10.37 -6.98
CA LEU A 153 -20.32 -10.19 -5.70
C LEU A 153 -19.54 -9.22 -4.79
N SER A 154 -18.20 -9.35 -4.75
CA SER A 154 -17.33 -8.49 -3.95
C SER A 154 -17.19 -7.09 -4.55
N ASN A 155 -16.99 -6.98 -5.88
CA ASN A 155 -16.82 -5.69 -6.55
C ASN A 155 -18.10 -4.86 -6.57
N ARG A 156 -19.26 -5.47 -6.89
CA ARG A 156 -20.54 -4.74 -6.91
C ARG A 156 -20.96 -4.31 -5.49
N ASN A 157 -20.63 -5.11 -4.45
CA ASN A 157 -20.96 -4.78 -3.06
C ASN A 157 -20.12 -3.59 -2.60
N PHE A 158 -18.81 -3.59 -2.91
CA PHE A 158 -17.89 -2.51 -2.53
C PHE A 158 -18.28 -1.20 -3.25
N ASN A 159 -18.63 -1.27 -4.55
CA ASN A 159 -19.03 -0.10 -5.33
C ASN A 159 -20.38 0.44 -4.83
N GLU A 160 -21.31 -0.44 -4.41
CA GLU A 160 -22.60 -0.03 -3.85
C GLU A 160 -22.37 0.67 -2.53
N ASN A 161 -21.55 0.06 -1.64
CA ASN A 161 -21.21 0.62 -0.33
C ASN A 161 -20.46 1.96 -0.46
N ARG A 162 -19.49 2.05 -1.39
CA ARG A 162 -18.73 3.29 -1.60
C ARG A 162 -19.63 4.44 -2.07
N SER A 163 -20.65 4.15 -2.90
CA SER A 163 -21.60 5.17 -3.37
C SER A 163 -22.43 5.70 -2.20
N PHE A 164 -22.77 4.82 -1.23
CA PHE A 164 -23.52 5.22 -0.04
C PHE A 164 -22.61 5.97 0.94
N ILE A 165 -21.31 5.63 1.02
CA ILE A 165 -20.36 6.36 1.87
C ILE A 165 -20.22 7.81 1.36
N ASP A 166 -20.29 8.01 0.02
CA ASP A 166 -20.21 9.34 -0.59
C ASP A 166 -21.48 10.17 -0.31
N SER A 167 -22.67 9.53 -0.28
CA SER A 167 -23.93 10.22 -0.03
C SER A 167 -24.04 10.72 1.43
N VAL A 168 -23.37 10.04 2.38
CA VAL A 168 -23.37 10.44 3.79
C VAL A 168 -22.55 11.73 3.97
N SER A 169 -23.07 12.69 4.75
CA SER A 169 -22.43 14.01 4.92
C SER A 169 -21.28 14.03 5.95
N VAL A 170 -21.27 13.16 6.98
CA VAL A 170 -20.19 13.17 7.98
C VAL A 170 -18.83 12.75 7.34
N PHE A 171 -18.87 11.94 6.24
CA PHE A 171 -17.67 11.49 5.55
C PHE A 171 -17.29 12.38 4.32
N ASP A 172 -17.79 13.64 4.24
CA ASP A 172 -17.48 14.52 3.10
C ASP A 172 -16.01 14.96 3.06
N MET A 173 -15.41 15.31 4.22
CA MET A 173 -14.03 15.78 4.26
C MET A 173 -12.99 14.64 4.31
N LEU A 174 -13.39 13.36 4.26
CA LEU A 174 -12.43 12.24 4.22
C LEU A 174 -11.84 12.14 2.81
N THR A 175 -10.58 11.71 2.71
CA THR A 175 -9.90 11.54 1.42
C THR A 175 -10.36 10.25 0.73
N GLU A 176 -9.95 10.05 -0.53
CA GLU A 176 -10.31 8.85 -1.31
C GLU A 176 -9.80 7.57 -0.64
N ALA A 177 -8.58 7.59 -0.11
CA ALA A 177 -7.98 6.45 0.60
C ALA A 177 -8.74 6.15 1.90
N GLN A 178 -9.15 7.21 2.63
CA GLN A 178 -9.90 7.08 3.89
C GLN A 178 -11.32 6.57 3.61
N LYS A 179 -11.96 7.02 2.52
CA LYS A 179 -13.32 6.57 2.15
C LYS A 179 -13.32 5.08 1.75
N ASN A 180 -12.28 4.63 1.01
CA ASN A 180 -12.17 3.22 0.59
C ASN A 180 -11.90 2.28 1.77
N MET A 181 -11.26 2.78 2.84
CA MET A 181 -10.95 1.97 4.02
C MET A 181 -12.21 1.70 4.86
N ILE A 182 -13.06 2.72 5.05
CA ILE A 182 -14.30 2.57 5.82
C ILE A 182 -15.38 1.80 5.00
N THR A 183 -15.21 1.69 3.67
CA THR A 183 -16.12 0.91 2.82
C THR A 183 -15.92 -0.59 3.13
N ASN A 184 -14.66 -1.01 3.37
CA ASN A 184 -14.34 -2.40 3.73
C ASN A 184 -14.88 -2.76 5.12
N ALA A 185 -15.05 -1.77 6.01
CA ALA A 185 -15.60 -1.98 7.36
C ALA A 185 -17.13 -2.15 7.37
N CYS A 186 -17.83 -1.96 6.22
CA CYS A 186 -19.28 -2.12 6.14
C CYS A 186 -19.70 -3.58 6.32
N VAL A 187 -20.75 -3.82 7.13
CA VAL A 187 -21.30 -5.15 7.40
C VAL A 187 -22.76 -5.11 6.94
N ILE A 188 -23.15 -5.98 5.98
CA ILE A 188 -24.52 -5.99 5.46
C ILE A 188 -25.42 -6.76 6.43
N GLN A 189 -26.26 -6.03 7.20
CA GLN A 189 -27.21 -6.62 8.15
C GLN A 189 -28.59 -6.74 7.51
N MET A 190 -29.17 -7.95 7.53
CA MET A 190 -30.49 -8.22 6.95
C MET A 190 -31.57 -8.09 8.03
N PHE A 191 -32.74 -7.54 7.66
CA PHE A 191 -33.86 -7.35 8.59
C PHE A 191 -35.18 -7.77 7.93
N LYS A 192 -35.87 -8.77 8.51
CA LYS A 192 -37.15 -9.28 7.99
C LYS A 192 -38.31 -8.32 8.31
N PRO A 193 -39.51 -8.48 7.68
CA PRO A 193 -40.62 -7.56 8.00
C PRO A 193 -41.05 -7.59 9.47
N GLY A 194 -41.25 -6.42 10.05
CA GLY A 194 -41.65 -6.26 11.44
C GLY A 194 -40.51 -6.55 12.42
N GLU A 195 -39.28 -6.15 12.05
CA GLU A 195 -38.07 -6.32 12.86
C GLU A 195 -37.46 -4.95 13.11
N THR A 196 -37.26 -4.57 14.39
CA THR A 196 -36.69 -3.27 14.73
C THR A 196 -35.18 -3.24 14.40
N ILE A 197 -34.75 -2.22 13.66
CA ILE A 197 -33.35 -2.03 13.29
C ILE A 197 -32.68 -1.33 14.47
N VAL A 198 -33.28 -0.20 14.91
CA VAL A 198 -32.84 0.59 16.07
C VAL A 198 -34.09 1.02 16.86
N LYS A 199 -33.98 1.15 18.19
CA LYS A 199 -35.09 1.55 19.07
C LYS A 199 -34.81 2.93 19.66
N GLN A 200 -35.87 3.73 19.87
CA GLN A 200 -35.76 5.08 20.44
C GLN A 200 -35.31 5.01 21.91
N GLY A 201 -34.31 5.81 22.27
CA GLY A 201 -33.76 5.88 23.61
C GLY A 201 -32.49 5.09 23.85
N ASP A 202 -32.25 4.02 23.05
CA ASP A 202 -31.05 3.18 23.20
C ASP A 202 -29.82 3.94 22.72
N TYR A 203 -28.66 3.74 23.40
CA TYR A 203 -27.41 4.41 23.03
C TYR A 203 -26.63 3.56 22.01
N GLY A 204 -26.95 3.77 20.74
CA GLY A 204 -26.31 3.06 19.63
C GLY A 204 -25.00 3.68 19.21
N ASP A 205 -24.22 2.91 18.42
CA ASP A 205 -22.92 3.33 17.88
C ASP A 205 -22.75 2.82 16.43
N VAL A 206 -23.86 2.78 15.65
CA VAL A 206 -23.89 2.26 14.29
C VAL A 206 -24.59 3.22 13.32
N LEU A 207 -24.10 3.27 12.06
CA LEU A 207 -24.66 4.08 10.97
C LEU A 207 -25.27 3.12 9.95
N PHE A 208 -26.59 3.20 9.71
CA PHE A 208 -27.30 2.32 8.76
C PHE A 208 -27.72 3.08 7.50
N ILE A 209 -27.54 2.48 6.31
CA ILE A 209 -27.98 3.04 5.03
C ILE A 209 -28.83 1.97 4.32
N LEU A 210 -29.99 2.35 3.75
CA LEU A 210 -30.86 1.41 3.05
C LEU A 210 -30.31 1.06 1.66
N LYS A 211 -29.88 -0.20 1.45
CA LYS A 211 -29.38 -0.65 0.15
C LYS A 211 -30.57 -0.96 -0.75
N GLU A 212 -31.50 -1.83 -0.28
CA GLU A 212 -32.70 -2.22 -1.02
C GLU A 212 -33.84 -2.60 -0.06
N GLY A 213 -35.01 -1.96 -0.23
CA GLY A 213 -36.19 -2.21 0.58
C GLY A 213 -36.83 -0.94 1.14
N LYS A 214 -37.72 -1.11 2.14
CA LYS A 214 -38.46 -0.01 2.79
C LYS A 214 -38.49 -0.15 4.32
N ALA A 215 -38.41 0.98 5.04
CA ALA A 215 -38.46 1.03 6.51
C ALA A 215 -39.31 2.22 6.97
N THR A 216 -39.98 2.08 8.13
CA THR A 216 -40.87 3.11 8.69
C THR A 216 -40.25 3.73 9.96
N VAL A 217 -40.37 5.07 10.11
CA VAL A 217 -39.87 5.82 11.26
C VAL A 217 -40.98 5.94 12.30
N PHE A 218 -40.65 5.97 13.60
CA PHE A 218 -41.63 6.10 14.69
C PHE A 218 -41.09 6.88 15.89
N ILE A 219 -41.37 8.20 15.95
CA ILE A 219 -40.95 9.05 17.08
C ILE A 219 -42.11 9.01 18.09
N ASN A 220 -41.87 8.41 19.28
CA ASN A 220 -42.87 8.28 20.35
C ASN A 220 -44.10 7.46 19.89
N ASP A 221 -43.86 6.38 19.12
CA ASP A 221 -44.88 5.47 18.58
C ASP A 221 -45.85 6.17 17.57
N LYS A 222 -45.43 7.29 16.94
CA LYS A 222 -46.24 8.03 15.94
C LYS A 222 -45.48 8.04 14.60
N GLU A 223 -46.11 7.57 13.50
CA GLU A 223 -45.46 7.52 12.18
C GLU A 223 -45.11 8.92 11.64
N ILE A 224 -43.80 9.19 11.44
CA ILE A 224 -43.31 10.48 10.93
C ILE A 224 -43.17 10.43 9.40
N ARG A 225 -42.47 9.42 8.87
CA ARG A 225 -42.26 9.26 7.42
C ARG A 225 -41.82 7.82 7.08
N VAL A 226 -41.66 7.53 5.77
CA VAL A 226 -41.21 6.23 5.26
C VAL A 226 -39.85 6.43 4.56
N LEU A 227 -38.85 5.56 4.86
CA LEU A 227 -37.50 5.65 4.27
C LEU A 227 -37.34 4.66 3.11
N ASN A 228 -36.83 5.13 1.96
CA ASN A 228 -36.57 4.30 0.77
C ASN A 228 -35.05 4.08 0.60
N LYS A 229 -34.62 3.46 -0.51
CA LYS A 229 -33.20 3.23 -0.79
C LYS A 229 -32.48 4.57 -0.92
N GLY A 230 -31.33 4.69 -0.26
CA GLY A 230 -30.52 5.92 -0.24
C GLY A 230 -30.55 6.63 1.09
N SER A 231 -31.69 6.57 1.81
CA SER A 231 -31.85 7.22 3.12
C SER A 231 -30.99 6.51 4.17
N TYR A 232 -30.46 7.27 5.15
CA TYR A 232 -29.60 6.73 6.20
C TYR A 232 -29.88 7.37 7.56
N PHE A 233 -29.33 6.76 8.63
CA PHE A 233 -29.50 7.25 10.00
C PHE A 233 -28.41 6.69 10.92
N GLY A 234 -27.84 7.56 11.76
CA GLY A 234 -26.79 7.21 12.72
C GLY A 234 -25.44 7.87 12.52
N GLU A 235 -25.42 9.13 12.02
CA GLU A 235 -24.16 9.87 11.83
C GLU A 235 -23.60 10.29 13.18
N ARG A 236 -24.47 10.84 14.04
CA ARG A 236 -24.11 11.30 15.39
C ARG A 236 -23.75 10.13 16.32
N ALA A 237 -24.24 8.90 16.01
CA ALA A 237 -23.90 7.71 16.81
C ALA A 237 -22.42 7.33 16.63
N LEU A 238 -21.85 7.53 15.42
CA LEU A 238 -20.44 7.26 15.14
C LEU A 238 -19.51 8.30 15.81
N LEU A 239 -20.02 9.51 16.06
CA LEU A 239 -19.24 10.60 16.65
C LEU A 239 -19.34 10.65 18.17
N TYR A 240 -20.58 10.73 18.70
CA TYR A 240 -20.85 10.90 20.13
C TYR A 240 -21.78 9.83 20.71
N ASP A 241 -21.79 9.70 22.04
CA ASP A 241 -22.64 8.76 22.77
C ASP A 241 -23.98 9.45 23.07
N GLU A 242 -24.92 9.39 22.11
CA GLU A 242 -26.24 10.03 22.22
C GLU A 242 -27.34 9.01 21.94
N PRO A 243 -28.56 9.18 22.50
CA PRO A 243 -29.63 8.21 22.21
C PRO A 243 -30.29 8.43 20.86
N ARG A 244 -31.00 7.41 20.38
CA ARG A 244 -31.68 7.45 19.07
C ARG A 244 -32.92 8.34 19.15
N SER A 245 -33.10 9.21 18.15
CA SER A 245 -34.25 10.11 18.09
C SER A 245 -35.55 9.42 17.64
N ALA A 246 -35.46 8.21 17.02
CA ALA A 246 -36.64 7.49 16.54
C ALA A 246 -36.44 5.98 16.53
N THR A 247 -37.55 5.24 16.36
CA THR A 247 -37.57 3.78 16.27
C THR A 247 -37.78 3.41 14.80
N ILE A 248 -36.76 2.84 14.14
CA ILE A 248 -36.84 2.45 12.72
C ILE A 248 -37.20 0.97 12.64
N ILE A 249 -38.33 0.63 11.96
CA ILE A 249 -38.81 -0.75 11.81
C ILE A 249 -38.95 -1.07 10.31
N ALA A 250 -38.57 -2.30 9.92
CA ALA A 250 -38.64 -2.74 8.52
C ALA A 250 -40.08 -3.10 8.12
N LYS A 251 -40.56 -2.53 6.99
CA LYS A 251 -41.91 -2.79 6.47
C LYS A 251 -41.92 -4.05 5.59
N GLU A 252 -40.87 -4.23 4.78
CA GLU A 252 -40.69 -5.37 3.87
C GLU A 252 -39.27 -5.94 4.14
N PRO A 253 -38.81 -7.06 3.52
CA PRO A 253 -37.47 -7.57 3.86
C PRO A 253 -36.34 -6.65 3.36
N THR A 254 -35.78 -5.86 4.29
CA THR A 254 -34.73 -4.88 3.99
C THR A 254 -33.31 -5.44 4.19
N ALA A 255 -32.36 -4.80 3.50
CA ALA A 255 -30.93 -5.08 3.59
C ALA A 255 -30.25 -3.73 3.81
N CYS A 256 -29.46 -3.60 4.89
CA CYS A 256 -28.80 -2.32 5.24
C CYS A 256 -27.30 -2.48 5.42
N ALA A 257 -26.52 -1.55 4.83
CA ALA A 257 -25.06 -1.51 4.97
C ALA A 257 -24.80 -0.79 6.30
N SER A 258 -24.14 -1.48 7.26
CA SER A 258 -23.90 -0.92 8.60
C SER A 258 -22.42 -0.70 8.91
N ILE A 259 -22.06 0.54 9.32
CA ILE A 259 -20.71 0.92 9.73
C ILE A 259 -20.76 1.11 11.25
N CYS A 260 -19.99 0.31 12.01
CA CYS A 260 -19.95 0.39 13.47
C CYS A 260 -18.82 1.32 13.91
N ARG A 261 -18.99 1.99 15.06
CA ARG A 261 -17.97 2.89 15.62
C ARG A 261 -16.75 2.10 16.12
N LYS A 262 -16.98 0.87 16.65
CA LYS A 262 -15.91 0.01 17.14
C LYS A 262 -14.97 -0.40 16.00
N LEU A 263 -15.53 -0.76 14.83
CA LEU A 263 -14.73 -1.14 13.66
C LEU A 263 -14.08 0.11 13.03
N LEU A 264 -14.76 1.28 13.11
CA LEU A 264 -14.22 2.54 12.59
C LEU A 264 -12.99 2.98 13.39
N ASN A 265 -12.98 2.74 14.72
CA ASN A 265 -11.85 3.09 15.59
C ASN A 265 -10.60 2.24 15.27
N ILE A 266 -10.80 1.00 14.78
CA ILE A 266 -9.69 0.12 14.39
C ILE A 266 -9.08 0.60 13.06
N VAL A 267 -9.94 0.92 12.08
CA VAL A 267 -9.53 1.31 10.72
C VAL A 267 -9.05 2.77 10.63
N LEU A 268 -9.81 3.72 11.19
CA LEU A 268 -9.50 5.16 11.10
C LEU A 268 -9.15 5.84 12.43
N GLY A 269 -9.71 5.39 13.55
CA GLY A 269 -9.51 6.00 14.86
C GLY A 269 -10.66 6.94 15.18
N ASN A 270 -10.37 8.03 15.90
CA ASN A 270 -11.40 9.02 16.24
C ASN A 270 -11.75 9.79 14.96
N LEU A 271 -13.02 9.73 14.51
CA LEU A 271 -13.44 10.37 13.26
C LEU A 271 -13.33 11.91 13.31
N GLN A 272 -13.56 12.54 14.48
CA GLN A 272 -13.44 14.00 14.60
C GLN A 272 -11.97 14.44 14.41
N VAL A 273 -11.01 13.59 14.83
CA VAL A 273 -9.59 13.89 14.69
C VAL A 273 -9.17 13.76 13.22
N VAL A 274 -9.64 12.71 12.52
CA VAL A 274 -9.29 12.49 11.11
C VAL A 274 -9.92 13.59 10.23
N LEU A 275 -11.19 13.96 10.47
CA LEU A 275 -11.86 15.01 9.70
C LEU A 275 -11.22 16.38 9.91
N PHE A 276 -10.90 16.73 11.17
CA PHE A 276 -10.29 18.02 11.48
C PHE A 276 -8.86 18.10 10.92
N ARG A 277 -8.12 16.97 10.90
CA ARG A 277 -6.77 16.93 10.32
C ARG A 277 -6.82 17.25 8.82
N ASN A 278 -7.85 16.76 8.10
CA ASN A 278 -8.02 17.01 6.66
C ASN A 278 -8.41 18.47 6.42
N ILE A 279 -9.32 19.01 7.26
CA ILE A 279 -9.77 20.42 7.18
C ILE A 279 -8.58 21.35 7.39
N MET A 280 -7.82 21.13 8.47
CA MET A 280 -6.65 21.95 8.80
C MET A 280 -5.52 21.77 7.79
N THR A 281 -5.29 20.54 7.28
CA THR A 281 -4.24 20.30 6.27
C THR A 281 -4.56 21.08 4.99
N GLU A 282 -5.83 21.02 4.54
CA GLU A 282 -6.28 21.74 3.34
C GLU A 282 -6.14 23.25 3.53
N ALA A 283 -6.52 23.77 4.72
CA ALA A 283 -6.43 25.20 5.05
C ALA A 283 -4.97 25.66 5.18
N LEU A 284 -4.12 24.85 5.85
CA LEU A 284 -2.72 25.17 6.04
C LEU A 284 -1.92 25.07 4.74
N GLN A 285 -2.21 24.06 3.89
CA GLN A 285 -1.51 23.90 2.60
C GLN A 285 -1.72 25.10 1.63
N GLN A 286 -2.73 25.98 1.87
CA GLN A 286 -2.92 27.18 1.06
C GLN A 286 -1.72 28.13 1.25
N SER A 287 -1.18 28.22 2.49
CA SER A 287 -0.03 29.05 2.79
C SER A 287 1.26 28.38 2.29
N GLU A 288 2.21 29.19 1.78
CA GLU A 288 3.49 28.69 1.24
C GLU A 288 4.43 28.15 2.35
N ILE A 289 4.27 28.61 3.60
CA ILE A 289 5.11 28.16 4.72
C ILE A 289 4.76 26.72 5.06
N PHE A 290 3.48 26.48 5.35
CA PHE A 290 2.97 25.17 5.74
C PHE A 290 2.84 24.19 4.55
N ARG A 291 3.08 24.64 3.30
CA ARG A 291 3.06 23.75 2.13
C ARG A 291 4.28 22.81 2.19
N GLN A 292 5.40 23.30 2.76
CA GLN A 292 6.65 22.54 2.92
C GLN A 292 6.66 21.66 4.20
N PHE A 293 5.74 21.89 5.17
CA PHE A 293 5.65 21.10 6.40
C PHE A 293 5.22 19.66 6.07
N SER A 294 5.71 18.68 6.85
CA SER A 294 5.36 17.27 6.66
C SER A 294 3.94 16.96 7.13
N ALA A 295 3.38 15.83 6.69
CA ALA A 295 2.02 15.40 7.07
C ALA A 295 1.90 15.19 8.58
N GLU A 296 2.95 14.63 9.22
CA GLU A 296 2.98 14.40 10.66
C GLU A 296 2.99 15.74 11.41
N GLN A 297 3.71 16.75 10.88
CA GLN A 297 3.77 18.09 11.48
C GLN A 297 2.44 18.83 11.36
N LEU A 298 1.77 18.74 10.19
CA LEU A 298 0.47 19.40 10.00
C LEU A 298 -0.61 18.77 10.87
N ASN A 299 -0.53 17.44 11.11
CA ASN A 299 -1.48 16.74 11.98
C ASN A 299 -1.30 17.19 13.44
N ASP A 300 -0.06 17.44 13.88
CA ASP A 300 0.22 17.91 15.25
C ASP A 300 -0.39 19.29 15.50
N LEU A 301 -0.30 20.20 14.51
CA LEU A 301 -0.88 21.55 14.61
C LEU A 301 -2.40 21.46 14.77
N ALA A 302 -3.05 20.59 13.99
CA ALA A 302 -4.50 20.37 14.07
C ALA A 302 -4.90 19.75 15.42
N ASP A 303 -4.08 18.81 15.95
CA ASP A 303 -4.36 18.16 17.23
C ASP A 303 -4.20 19.10 18.44
N THR A 304 -3.42 20.20 18.29
CA THR A 304 -3.17 21.16 19.37
C THR A 304 -3.66 22.59 19.02
N ALA A 305 -4.47 22.76 17.96
CA ALA A 305 -5.01 24.09 17.59
C ALA A 305 -6.18 24.46 18.50
N ILE A 306 -6.26 25.73 18.90
CA ILE A 306 -7.33 26.24 19.77
C ILE A 306 -8.53 26.61 18.90
N VAL A 307 -9.64 25.85 19.00
CA VAL A 307 -10.87 26.12 18.25
C VAL A 307 -11.86 26.84 19.17
N ARG A 308 -12.28 28.07 18.79
CA ARG A 308 -13.21 28.89 19.57
C ARG A 308 -14.34 29.43 18.69
N ASP A 309 -15.54 29.61 19.29
CA ASP A 309 -16.71 30.16 18.61
C ASP A 309 -16.87 31.61 19.05
N TYR A 310 -17.17 32.52 18.10
CA TYR A 310 -17.31 33.95 18.40
C TYR A 310 -18.60 34.55 17.84
N PRO A 311 -19.15 35.59 18.49
CA PRO A 311 -20.34 36.25 17.94
C PRO A 311 -19.97 37.24 16.85
N ALA A 312 -20.97 37.89 16.23
CA ALA A 312 -20.72 38.89 15.19
C ALA A 312 -20.21 40.18 15.82
N ASN A 313 -19.35 40.91 15.08
CA ASN A 313 -18.75 42.18 15.49
C ASN A 313 -17.95 42.05 16.80
N TYR A 314 -17.08 41.02 16.88
CA TYR A 314 -16.21 40.78 18.04
C TYR A 314 -14.75 40.77 17.60
N HIS A 315 -13.89 41.51 18.30
CA HIS A 315 -12.46 41.56 17.99
C HIS A 315 -11.79 40.28 18.50
N ILE A 316 -11.54 39.33 17.60
CA ILE A 316 -10.90 38.04 17.94
C ILE A 316 -9.45 38.31 18.34
N LEU A 317 -8.74 39.08 17.51
CA LEU A 317 -7.35 39.48 17.76
C LEU A 317 -7.23 40.98 17.61
N HIS A 318 -6.66 41.65 18.62
CA HIS A 318 -6.39 43.10 18.62
C HIS A 318 -4.94 43.27 19.06
N LYS A 319 -4.26 44.33 18.57
CA LYS A 319 -2.83 44.61 18.86
C LYS A 319 -2.38 44.21 20.28
N ASP A 320 -3.18 44.55 21.31
CA ASP A 320 -2.87 44.21 22.69
C ASP A 320 -3.33 42.79 23.04
N LYS A 321 -4.59 42.44 22.70
CA LYS A 321 -5.19 41.13 23.02
C LYS A 321 -4.94 40.09 21.90
N VAL A 322 -3.69 39.62 21.82
CA VAL A 322 -3.25 38.61 20.85
C VAL A 322 -3.19 37.26 21.57
N LYS A 323 -2.46 37.22 22.70
CA LYS A 323 -2.25 36.04 23.56
C LYS A 323 -1.50 34.94 22.75
N SER A 324 -0.29 35.31 22.29
CA SER A 324 0.67 34.46 21.55
C SER A 324 0.16 33.85 20.22
N VAL A 325 -0.97 34.34 19.65
CA VAL A 325 -1.49 33.78 18.40
C VAL A 325 -0.63 34.23 17.21
N LYS A 326 -0.19 33.26 16.37
CA LYS A 326 0.63 33.53 15.19
C LYS A 326 -0.09 33.22 13.86
N TYR A 327 -1.12 32.32 13.85
CA TYR A 327 -1.87 31.99 12.63
C TYR A 327 -3.36 31.81 12.94
N LEU A 328 -4.23 32.12 11.97
CA LEU A 328 -5.68 32.06 12.11
C LEU A 328 -6.32 31.41 10.89
N ILE A 329 -7.23 30.42 11.10
CA ILE A 329 -7.95 29.72 10.04
C ILE A 329 -9.45 29.83 10.33
N VAL A 330 -10.25 30.20 9.32
CA VAL A 330 -11.70 30.32 9.44
C VAL A 330 -12.32 28.96 9.10
N LEU A 331 -12.95 28.29 10.08
CA LEU A 331 -13.60 26.99 9.87
C LEU A 331 -15.02 27.20 9.36
N GLU A 332 -15.73 28.18 9.93
CA GLU A 332 -17.10 28.55 9.55
C GLU A 332 -17.27 30.06 9.70
N GLY A 333 -18.20 30.65 8.95
CA GLY A 333 -18.49 32.08 9.00
C GLY A 333 -17.52 32.96 8.23
N LYS A 334 -17.40 34.24 8.65
CA LYS A 334 -16.54 35.24 8.01
C LYS A 334 -15.89 36.18 9.03
N VAL A 335 -14.67 36.67 8.72
CA VAL A 335 -13.93 37.65 9.54
C VAL A 335 -13.32 38.70 8.61
N GLU A 336 -13.31 39.97 9.04
CA GLU A 336 -12.74 41.08 8.27
C GLU A 336 -11.40 41.48 8.89
N LEU A 337 -10.32 41.38 8.10
CA LEU A 337 -8.97 41.75 8.54
C LEU A 337 -8.80 43.26 8.46
N PHE A 338 -8.09 43.86 9.43
CA PHE A 338 -7.82 45.29 9.48
C PHE A 338 -6.39 45.59 9.93
N LEU A 339 -5.82 46.69 9.43
CA LEU A 339 -4.50 47.18 9.85
C LEU A 339 -4.78 48.57 10.42
N ASP A 340 -4.70 48.71 11.75
CA ASP A 340 -5.00 49.96 12.48
C ASP A 340 -6.51 50.28 12.32
N ASP A 341 -6.92 51.16 11.36
CA ASP A 341 -8.32 51.49 11.09
C ASP A 341 -8.66 51.34 9.58
N GLU A 342 -7.80 50.66 8.79
CA GLU A 342 -8.00 50.45 7.35
C GLU A 342 -8.20 48.96 7.09
N SER A 343 -9.32 48.58 6.45
CA SER A 343 -9.62 47.18 6.11
C SER A 343 -8.65 46.67 5.04
N ILE A 344 -8.11 45.44 5.23
CA ILE A 344 -7.16 44.84 4.28
C ILE A 344 -7.65 43.48 3.70
N GLY A 345 -8.90 43.10 3.96
CA GLY A 345 -9.45 41.86 3.41
C GLY A 345 -10.56 41.22 4.23
N ILE A 346 -11.27 40.26 3.63
CA ILE A 346 -12.36 39.51 4.26
C ILE A 346 -12.14 38.01 4.02
N LEU A 347 -11.83 37.25 5.08
CA LEU A 347 -11.60 35.81 4.98
C LEU A 347 -12.92 35.06 5.17
N THR A 348 -13.22 34.11 4.29
CA THR A 348 -14.44 33.28 4.35
C THR A 348 -14.02 31.86 4.81
N ARG A 349 -14.96 30.90 4.82
CA ARG A 349 -14.67 29.52 5.23
C ARG A 349 -13.52 28.92 4.41
N GLY A 350 -12.50 28.40 5.11
CA GLY A 350 -11.34 27.80 4.49
C GLY A 350 -10.12 28.71 4.37
N LYS A 351 -10.35 30.03 4.19
CA LYS A 351 -9.26 31.01 4.06
C LYS A 351 -8.52 31.21 5.39
N SER A 352 -7.30 31.76 5.34
CA SER A 352 -6.46 31.93 6.53
C SER A 352 -5.51 33.13 6.45
N PHE A 353 -4.83 33.45 7.57
CA PHE A 353 -3.92 34.61 7.66
C PHE A 353 -2.89 34.44 8.79
N GLY A 354 -1.71 35.07 8.63
CA GLY A 354 -0.64 35.08 9.63
C GLY A 354 0.77 34.75 9.20
N ASP A 355 1.04 34.52 7.89
CA ASP A 355 2.37 34.15 7.35
C ASP A 355 3.55 34.97 7.92
N GLN A 356 3.37 36.28 8.09
CA GLN A 356 4.43 37.18 8.59
C GLN A 356 4.76 36.91 10.05
N TYR A 357 3.73 36.68 10.88
CA TYR A 357 3.92 36.41 12.31
C TYR A 357 4.46 35.00 12.54
N VAL A 358 4.13 34.04 11.64
CA VAL A 358 4.65 32.68 11.71
C VAL A 358 6.16 32.72 11.43
N LEU A 359 6.58 33.52 10.43
CA LEU A 359 7.99 33.67 10.06
C LEU A 359 8.77 34.56 11.04
N ASN A 360 8.11 35.57 11.66
CA ASN A 360 8.75 36.48 12.60
C ASN A 360 8.10 36.34 13.99
N GLN A 361 8.65 35.43 14.80
CA GLN A 361 8.19 35.09 16.15
C GLN A 361 8.13 36.29 17.09
N LYS A 362 9.17 37.17 17.07
CA LYS A 362 9.25 38.33 17.96
C LYS A 362 8.51 39.57 17.44
N GLN A 363 8.04 39.57 16.17
CA GLN A 363 7.33 40.74 15.61
C GLN A 363 6.02 41.02 16.36
N LYS A 364 5.77 42.30 16.68
CA LYS A 364 4.55 42.71 17.38
C LYS A 364 3.36 42.64 16.43
N PHE A 365 2.21 42.11 16.90
CA PHE A 365 1.02 41.96 16.08
C PHE A 365 0.39 43.34 15.83
N ARG A 366 0.43 43.81 14.58
CA ARG A 366 -0.09 45.12 14.18
C ARG A 366 -1.53 45.05 13.67
N HIS A 367 -1.94 43.90 13.08
CA HIS A 367 -3.28 43.74 12.52
C HIS A 367 -4.36 43.52 13.59
N THR A 368 -5.62 43.58 13.15
CA THR A 368 -6.80 43.40 13.99
C THR A 368 -7.82 42.56 13.22
N VAL A 369 -8.26 41.42 13.79
CA VAL A 369 -9.24 40.52 13.18
C VAL A 369 -10.59 40.72 13.88
N LYS A 370 -11.65 41.01 13.11
CA LYS A 370 -13.01 41.22 13.65
C LYS A 370 -14.03 40.41 12.87
N SER A 371 -14.92 39.70 13.59
CA SER A 371 -15.96 38.86 12.98
C SER A 371 -17.11 39.65 12.37
N LEU A 372 -17.59 39.24 11.19
CA LEU A 372 -18.72 39.87 10.50
C LEU A 372 -20.04 39.19 10.88
N ASP A 373 -20.02 37.84 11.01
CA ASP A 373 -21.17 37.03 11.40
C ASP A 373 -20.72 36.01 12.46
N VAL A 374 -21.60 35.09 12.89
CA VAL A 374 -21.23 34.06 13.88
C VAL A 374 -20.26 33.11 13.18
N CYS A 375 -19.08 32.88 13.77
CA CYS A 375 -18.02 32.07 13.17
C CYS A 375 -17.39 31.09 14.16
N LYS A 376 -16.60 30.16 13.60
CA LYS A 376 -15.80 29.18 14.33
C LYS A 376 -14.38 29.34 13.78
N ILE A 377 -13.43 29.75 14.64
CA ILE A 377 -12.05 30.04 14.24
C ILE A 377 -11.06 29.09 14.92
N ALA A 378 -10.06 28.62 14.16
CA ALA A 378 -8.98 27.77 14.67
C ALA A 378 -7.75 28.66 14.79
N LEU A 379 -7.06 28.63 15.95
CA LEU A 379 -5.89 29.45 16.22
C LEU A 379 -4.67 28.61 16.52
N ILE A 380 -3.50 29.00 15.97
CA ILE A 380 -2.22 28.32 16.17
C ILE A 380 -1.29 29.34 16.85
N THR A 381 -0.89 29.07 18.09
CA THR A 381 -0.01 29.95 18.87
C THR A 381 1.47 29.64 18.63
N GLU A 382 2.38 30.41 19.25
CA GLU A 382 3.82 30.15 19.14
C GLU A 382 4.19 28.82 19.84
N SER A 383 3.54 28.51 20.99
N SER A 383 3.54 28.51 20.99
CA SER A 383 3.77 27.26 21.72
CA SER A 383 3.77 27.26 21.72
C SER A 383 3.28 26.05 20.90
C SER A 383 3.28 26.05 20.90
N CYS A 384 2.20 26.25 20.10
CA CYS A 384 1.66 25.21 19.21
C CYS A 384 2.66 24.92 18.08
N LEU A 385 3.30 25.97 17.53
CA LEU A 385 4.34 25.83 16.50
C LEU A 385 5.64 25.27 17.09
N ALA A 386 6.00 25.68 18.32
CA ALA A 386 7.22 25.21 18.98
C ALA A 386 7.16 23.71 19.29
N ASP A 387 6.02 23.23 19.81
CA ASP A 387 5.82 21.81 20.11
C ASP A 387 5.78 20.98 18.81
N CYS A 388 5.23 21.56 17.72
CA CYS A 388 5.15 20.92 16.40
C CYS A 388 6.55 20.73 15.80
N LEU A 389 7.32 21.83 15.74
CA LEU A 389 8.69 21.81 15.19
C LEU A 389 9.74 21.25 16.17
N GLY A 390 9.38 21.13 17.45
CA GLY A 390 10.28 20.59 18.48
C GLY A 390 11.42 21.51 18.86
N ASP A 391 11.21 22.83 18.77
CA ASP A 391 12.23 23.83 19.10
C ASP A 391 11.55 25.20 19.28
N ASN A 392 11.99 25.98 20.29
CA ASN A 392 11.41 27.30 20.57
C ASN A 392 11.75 28.34 19.50
N ASN A 393 12.91 28.20 18.83
CA ASN A 393 13.32 29.10 17.76
C ASN A 393 12.55 28.73 16.48
N ILE A 394 11.34 29.29 16.33
CA ILE A 394 10.44 29.01 15.20
C ILE A 394 11.02 29.54 13.87
N ASP A 395 11.71 30.68 13.89
CA ASP A 395 12.27 31.30 12.68
C ASP A 395 13.37 30.41 12.06
N ALA A 396 14.27 29.89 12.91
CA ALA A 396 15.35 29.00 12.47
C ALA A 396 14.82 27.63 12.03
N SER A 397 13.81 27.09 12.75
CA SER A 397 13.22 25.79 12.44
C SER A 397 12.47 25.77 11.12
N ILE A 398 11.75 26.85 10.77
CA ILE A 398 11.04 26.94 9.50
C ILE A 398 12.06 26.98 8.34
N ASP A 399 13.16 27.72 8.51
CA ASP A 399 14.24 27.79 7.52
C ASP A 399 14.94 26.44 7.41
N HIS A 400 15.11 25.73 8.55
CA HIS A 400 15.72 24.40 8.60
C HIS A 400 14.82 23.40 7.85
N ASN A 401 13.47 23.49 8.05
CA ASN A 401 12.51 22.62 7.36
C ASN A 401 12.45 22.91 5.85
N ASN A 402 12.57 24.19 5.45
CA ASN A 402 12.56 24.59 4.04
C ASN A 402 13.71 23.92 3.30
N LYS A 403 14.91 23.91 3.91
CA LYS A 403 16.09 23.26 3.35
C LYS A 403 15.91 21.74 3.38
N LYS A 404 15.38 21.20 4.50
CA LYS A 404 15.12 19.76 4.68
C LYS A 404 14.19 19.24 3.59
N SER A 405 13.08 19.96 3.33
CA SER A 405 12.10 19.60 2.30
C SER A 405 12.70 19.47 0.91
N ILE A 406 13.73 20.27 0.59
CA ILE A 406 14.40 20.22 -0.72
C ILE A 406 15.33 19.01 -0.79
N ILE A 407 16.22 18.84 0.22
CA ILE A 407 17.19 17.74 0.21
C ILE A 407 16.53 16.38 0.48
N LYS A 408 15.41 16.32 1.24
CA LYS A 408 14.73 15.04 1.49
C LYS A 408 14.11 14.45 0.21
N LYS A 409 13.86 15.27 -0.83
CA LYS A 409 13.32 14.78 -2.11
C LYS A 409 14.42 14.15 -3.01
N MET A 410 15.71 14.30 -2.63
CA MET A 410 16.86 13.77 -3.39
C MET A 410 17.34 12.45 -2.77
N TYR A 411 17.69 11.47 -3.62
CA TYR A 411 18.19 10.15 -3.18
C TYR A 411 19.41 10.22 -2.26
N ILE A 412 20.35 11.14 -2.53
CA ILE A 412 21.60 11.29 -1.78
C ILE A 412 21.35 11.57 -0.28
N PHE A 413 20.37 12.43 0.05
CA PHE A 413 20.07 12.81 1.43
C PHE A 413 18.73 12.25 2.01
N ARG A 414 17.90 11.59 1.19
N ARG A 414 17.90 11.58 1.20
CA ARG A 414 16.61 11.02 1.64
CA ARG A 414 16.60 11.04 1.65
C ARG A 414 16.81 9.97 2.73
C ARG A 414 16.76 9.94 2.70
N TYR A 415 17.70 9.00 2.49
CA TYR A 415 17.92 7.86 3.41
C TYR A 415 19.01 8.09 4.48
N LEU A 416 19.56 9.31 4.63
CA LEU A 416 20.53 9.58 5.72
C LEU A 416 19.76 9.67 7.04
N SER A 417 20.46 9.41 8.16
CA SER A 417 19.83 9.49 9.50
C SER A 417 19.49 10.95 9.81
N GLU A 418 18.44 11.18 10.63
CA GLU A 418 18.01 12.53 10.97
C GLU A 418 19.13 13.37 11.61
N GLN A 419 20.04 12.73 12.38
CA GLN A 419 21.18 13.44 12.97
C GLN A 419 22.12 13.92 11.86
N GLN A 420 22.47 13.03 10.92
CA GLN A 420 23.33 13.37 9.77
C GLN A 420 22.67 14.42 8.88
N CYS A 421 21.35 14.29 8.66
CA CYS A 421 20.61 15.24 7.82
C CYS A 421 20.57 16.64 8.47
N ASN A 422 20.36 16.72 9.79
CA ASN A 422 20.32 18.00 10.51
C ASN A 422 21.67 18.72 10.52
N LEU A 423 22.78 17.96 10.66
CA LEU A 423 24.13 18.54 10.65
C LEU A 423 24.45 19.13 9.29
N LEU A 424 24.02 18.47 8.20
CA LEU A 424 24.21 18.94 6.83
C LEU A 424 23.38 20.20 6.58
N ILE A 425 22.15 20.25 7.12
CA ILE A 425 21.29 21.43 6.97
C ILE A 425 21.90 22.61 7.74
N GLU A 426 22.36 22.36 8.98
CA GLU A 426 22.99 23.39 9.82
C GLU A 426 24.29 23.92 9.20
N ALA A 427 24.98 23.07 8.41
CA ALA A 427 26.24 23.44 7.76
C ALA A 427 26.05 24.27 6.47
N PHE A 428 24.81 24.45 5.95
CA PHE A 428 24.61 25.25 4.74
C PHE A 428 24.98 26.72 4.97
N ARG A 429 25.61 27.34 3.96
CA ARG A 429 26.06 28.74 3.99
C ARG A 429 25.49 29.46 2.78
N THR A 430 25.00 30.70 2.96
CA THR A 430 24.43 31.50 1.87
C THR A 430 25.54 32.36 1.24
N THR A 431 25.47 32.60 -0.08
CA THR A 431 26.44 33.43 -0.80
C THR A 431 25.77 34.10 -2.01
N ARG A 432 26.10 35.38 -2.27
CA ARG A 432 25.50 36.16 -3.36
C ARG A 432 26.35 36.09 -4.64
N TYR A 433 25.68 36.25 -5.80
CA TYR A 433 26.31 36.22 -7.12
C TYR A 433 25.72 37.33 -7.99
N GLU A 434 26.57 38.24 -8.50
CA GLU A 434 26.13 39.36 -9.34
C GLU A 434 25.68 38.88 -10.73
N GLU A 435 25.10 39.79 -11.54
CA GLU A 435 24.61 39.49 -12.89
C GLU A 435 25.75 38.97 -13.79
N GLY A 436 25.54 37.79 -14.37
CA GLY A 436 26.50 37.15 -15.26
C GLY A 436 27.66 36.44 -14.60
N ASP A 437 27.66 36.30 -13.25
CA ASP A 437 28.74 35.61 -12.53
C ASP A 437 28.62 34.10 -12.70
N TYR A 438 29.75 33.44 -13.01
CA TYR A 438 29.78 31.99 -13.19
C TYR A 438 29.85 31.30 -11.84
N ILE A 439 28.78 30.60 -11.44
CA ILE A 439 28.74 29.83 -10.19
C ILE A 439 29.59 28.59 -10.44
N ILE A 440 29.33 27.90 -11.57
CA ILE A 440 30.05 26.72 -12.03
C ILE A 440 30.53 27.01 -13.46
N GLN A 441 31.72 26.49 -13.82
CA GLN A 441 32.32 26.62 -15.14
C GLN A 441 32.62 25.21 -15.64
N GLU A 442 32.07 24.81 -16.81
CA GLU A 442 32.27 23.48 -17.37
C GLU A 442 33.77 23.20 -17.59
N GLY A 443 34.21 22.00 -17.20
CA GLY A 443 35.60 21.58 -17.30
C GLY A 443 36.34 21.53 -15.97
N GLU A 444 36.02 22.45 -15.05
CA GLU A 444 36.68 22.51 -13.73
C GLU A 444 36.15 21.40 -12.83
N VAL A 445 36.97 20.95 -11.86
CA VAL A 445 36.57 19.92 -10.90
C VAL A 445 35.97 20.63 -9.68
N GLY A 446 34.65 20.57 -9.55
CA GLY A 446 33.93 21.21 -8.45
C GLY A 446 33.96 20.42 -7.16
N SER A 447 33.70 21.12 -6.03
CA SER A 447 33.69 20.54 -4.70
C SER A 447 32.50 21.02 -3.84
N ARG A 448 31.43 21.58 -4.47
CA ARG A 448 30.28 22.12 -3.74
C ARG A 448 28.95 21.72 -4.38
N PHE A 449 27.91 21.60 -3.53
CA PHE A 449 26.53 21.31 -3.92
C PHE A 449 25.76 22.60 -3.68
N TYR A 450 24.86 22.99 -4.60
CA TYR A 450 24.12 24.25 -4.51
C TYR A 450 22.61 24.09 -4.52
N ILE A 451 21.91 24.99 -3.80
CA ILE A 451 20.44 25.10 -3.76
C ILE A 451 20.16 26.61 -3.91
N ILE A 452 19.31 26.99 -4.87
CA ILE A 452 18.99 28.42 -5.09
C ILE A 452 18.04 28.92 -4.00
N LYS A 453 18.43 29.99 -3.28
CA LYS A 453 17.64 30.60 -2.23
C LYS A 453 16.69 31.60 -2.88
N ASN A 454 17.25 32.55 -3.67
CA ASN A 454 16.50 33.57 -4.38
C ASN A 454 17.16 33.86 -5.73
N GLY A 455 16.36 33.98 -6.79
CA GLY A 455 16.86 34.28 -8.13
C GLY A 455 16.73 33.18 -9.16
N GLU A 456 17.24 33.45 -10.38
CA GLU A 456 17.21 32.55 -11.53
C GLU A 456 18.63 32.30 -12.05
N VAL A 457 18.92 31.06 -12.50
CA VAL A 457 20.24 30.69 -13.06
C VAL A 457 20.04 29.91 -14.37
N GLU A 458 20.89 30.18 -15.38
CA GLU A 458 20.82 29.53 -16.70
C GLU A 458 21.89 28.44 -16.83
N VAL A 459 21.49 27.24 -17.31
CA VAL A 459 22.37 26.10 -17.51
C VAL A 459 22.87 26.16 -18.96
N THR A 460 24.20 26.21 -19.18
CA THR A 460 24.78 26.31 -20.52
C THR A 460 25.92 25.31 -20.75
N LYS A 461 26.03 24.80 -22.00
CA LYS A 461 27.08 23.86 -22.42
C LYS A 461 27.49 24.25 -23.86
N ASN A 462 28.74 24.71 -24.05
CA ASN A 462 29.29 25.17 -25.34
C ASN A 462 28.50 26.38 -25.86
N GLY A 463 28.13 27.29 -24.95
CA GLY A 463 27.37 28.50 -25.27
C GLY A 463 25.97 28.24 -25.80
N LYS A 464 25.30 27.18 -25.31
CA LYS A 464 23.94 26.80 -25.72
C LYS A 464 23.07 26.58 -24.49
N ARG A 465 22.03 27.42 -24.31
CA ARG A 465 21.13 27.33 -23.15
C ARG A 465 20.30 26.04 -23.18
N LEU A 466 20.59 25.13 -22.23
CA LEU A 466 19.89 23.84 -22.13
C LEU A 466 18.58 24.01 -21.34
N ARG A 467 18.65 24.66 -20.16
CA ARG A 467 17.49 24.86 -19.29
C ARG A 467 17.72 25.98 -18.26
N THR A 468 16.67 26.35 -17.51
CA THR A 468 16.71 27.37 -16.46
C THR A 468 16.26 26.77 -15.13
N LEU A 469 16.84 27.27 -14.01
CA LEU A 469 16.52 26.82 -12.65
C LEU A 469 16.23 28.04 -11.78
N GLY A 470 15.19 27.96 -10.95
CA GLY A 470 14.76 29.05 -10.07
C GLY A 470 14.81 28.72 -8.60
N LYS A 471 13.96 29.39 -7.79
CA LYS A 471 13.88 29.20 -6.33
C LYS A 471 13.63 27.73 -5.95
N ASN A 472 14.37 27.24 -4.92
CA ASN A 472 14.31 25.88 -4.37
C ASN A 472 14.88 24.79 -5.33
N ASP A 473 15.34 25.12 -6.56
CA ASP A 473 15.94 24.13 -7.44
C ASP A 473 17.39 23.93 -7.01
N TYR A 474 18.01 22.82 -7.41
CA TYR A 474 19.37 22.49 -6.99
C TYR A 474 20.24 21.98 -8.14
N PHE A 475 21.56 21.94 -7.92
CA PHE A 475 22.54 21.48 -8.91
C PHE A 475 23.91 21.18 -8.28
N GLY A 476 24.71 20.41 -9.01
CA GLY A 476 26.06 20.06 -8.60
C GLY A 476 26.18 19.07 -7.45
N GLU A 477 25.19 18.18 -7.29
CA GLU A 477 25.20 17.17 -6.21
C GLU A 477 26.26 16.07 -6.44
N ARG A 478 26.65 15.81 -7.71
CA ARG A 478 27.66 14.81 -8.06
C ARG A 478 29.06 15.15 -7.53
N ALA A 479 29.37 16.44 -7.32
CA ALA A 479 30.68 16.89 -6.79
C ALA A 479 30.95 16.39 -5.38
N LEU A 480 29.89 16.06 -4.60
CA LEU A 480 30.04 15.54 -3.24
C LEU A 480 30.58 14.09 -3.24
N LEU A 481 30.30 13.31 -4.31
CA LEU A 481 30.73 11.91 -4.42
C LEU A 481 31.95 11.68 -5.31
N TYR A 482 32.28 12.59 -6.27
CA TYR A 482 33.41 12.40 -7.19
C TYR A 482 34.30 13.63 -7.35
N ASP A 483 35.44 13.43 -8.04
CA ASP A 483 36.41 14.47 -8.39
C ASP A 483 36.47 14.54 -9.94
N GLU A 484 35.29 14.52 -10.59
CA GLU A 484 35.16 14.57 -12.04
C GLU A 484 34.96 16.03 -12.50
N PRO A 485 35.19 16.35 -13.79
CA PRO A 485 34.97 17.74 -14.23
C PRO A 485 33.49 18.05 -14.46
N ARG A 486 33.12 19.33 -14.35
CA ARG A 486 31.73 19.78 -14.52
C ARG A 486 31.30 19.68 -15.99
N THR A 487 30.09 19.16 -16.25
CA THR A 487 29.58 19.00 -17.62
C THR A 487 29.07 20.31 -18.20
N ALA A 488 28.22 21.03 -17.44
CA ALA A 488 27.62 22.30 -17.87
C ALA A 488 27.94 23.45 -16.90
N SER A 489 27.96 24.68 -17.42
CA SER A 489 28.22 25.89 -16.64
C SER A 489 26.90 26.47 -16.12
N ILE A 490 26.90 27.06 -14.91
CA ILE A 490 25.72 27.68 -14.30
C ILE A 490 26.01 29.17 -14.15
N ILE A 491 25.39 30.00 -15.00
CA ILE A 491 25.58 31.46 -15.01
C ILE A 491 24.38 32.14 -14.34
N SER A 492 24.64 33.27 -13.65
CA SER A 492 23.58 34.04 -12.99
C SER A 492 22.78 34.83 -14.03
N LYS A 493 21.51 34.48 -14.24
CA LYS A 493 20.62 35.14 -15.20
C LYS A 493 20.05 36.42 -14.60
N ALA A 494 19.61 36.36 -13.32
CA ALA A 494 19.04 37.51 -12.61
C ALA A 494 20.10 38.23 -11.77
N THR A 495 19.72 39.37 -11.18
CA THR A 495 20.63 40.18 -10.37
C THR A 495 20.73 39.65 -8.92
N SER A 496 21.95 39.77 -8.33
CA SER A 496 22.29 39.35 -6.96
C SER A 496 21.51 38.11 -6.48
N VAL A 497 21.78 36.95 -7.11
CA VAL A 497 21.09 35.71 -6.75
C VAL A 497 21.79 35.06 -5.55
N GLU A 498 21.00 34.66 -4.54
CA GLU A 498 21.51 34.00 -3.32
C GLU A 498 21.43 32.49 -3.49
N CYS A 499 22.46 31.76 -3.01
CA CYS A 499 22.54 30.30 -3.13
C CYS A 499 23.04 29.65 -1.86
N TRP A 500 22.28 28.69 -1.30
CA TRP A 500 22.72 27.91 -0.14
C TRP A 500 23.71 26.87 -0.66
N PHE A 501 24.85 26.68 0.01
CA PHE A 501 25.84 25.70 -0.45
C PHE A 501 26.53 24.97 0.70
N VAL A 502 27.01 23.74 0.41
CA VAL A 502 27.73 22.88 1.37
C VAL A 502 28.94 22.30 0.65
N ASP A 503 30.10 22.29 1.32
CA ASP A 503 31.34 21.79 0.75
C ASP A 503 31.43 20.27 0.80
N LYS A 504 32.30 19.69 -0.04
CA LYS A 504 32.54 18.25 -0.06
C LYS A 504 33.18 17.83 1.26
N SER A 505 34.14 18.62 1.76
CA SER A 505 34.83 18.38 3.04
C SER A 505 33.85 18.21 4.21
N VAL A 506 32.77 19.02 4.24
CA VAL A 506 31.76 18.97 5.29
C VAL A 506 30.93 17.69 5.15
N PHE A 507 30.43 17.42 3.94
CA PHE A 507 29.62 16.22 3.63
C PHE A 507 30.38 14.95 4.02
N LEU A 508 31.67 14.86 3.67
CA LEU A 508 32.50 13.69 3.99
C LEU A 508 32.67 13.49 5.50
N GLN A 509 32.72 14.57 6.31
CA GLN A 509 32.83 14.46 7.76
C GLN A 509 31.54 13.92 8.40
N ILE A 510 30.36 14.20 7.79
CA ILE A 510 29.08 13.76 8.32
C ILE A 510 28.76 12.33 7.86
N ILE A 511 28.83 12.06 6.54
CA ILE A 511 28.52 10.73 5.99
CA ILE A 511 28.52 10.74 5.97
C ILE A 511 29.65 9.76 6.32
N GLN A 512 29.31 8.48 6.54
CA GLN A 512 30.28 7.44 6.88
C GLN A 512 30.49 6.46 5.70
N GLY A 513 31.55 5.66 5.81
CA GLY A 513 31.97 4.71 4.78
C GLY A 513 30.93 3.87 4.07
N PRO A 514 30.08 3.10 4.81
CA PRO A 514 29.12 2.22 4.13
C PRO A 514 28.14 2.94 3.20
N MET A 515 27.46 3.99 3.68
CA MET A 515 26.51 4.76 2.88
C MET A 515 27.21 5.45 1.71
N LEU A 516 28.39 6.05 1.96
CA LEU A 516 29.14 6.74 0.90
C LEU A 516 29.50 5.76 -0.23
N THR A 517 29.89 4.52 0.11
CA THR A 517 30.20 3.49 -0.89
C THR A 517 28.93 3.15 -1.68
N HIS A 518 27.78 3.02 -0.99
CA HIS A 518 26.49 2.72 -1.63
C HIS A 518 26.11 3.82 -2.63
N LEU A 519 26.27 5.09 -2.25
CA LEU A 519 25.95 6.23 -3.13
C LEU A 519 26.98 6.39 -4.26
N GLU A 520 28.27 6.13 -3.96
CA GLU A 520 29.37 6.26 -4.92
C GLU A 520 29.16 5.36 -6.15
N GLU A 521 29.01 4.04 -5.95
CA GLU A 521 28.86 3.10 -7.06
C GLU A 521 27.43 3.04 -7.65
N ARG A 522 26.40 3.55 -6.96
CA ARG A 522 25.02 3.52 -7.49
C ARG A 522 24.81 4.65 -8.50
N ILE A 523 25.18 5.88 -8.12
CA ILE A 523 24.99 7.07 -8.96
C ILE A 523 25.89 7.00 -10.23
N LYS A 524 26.99 6.20 -10.21
CA LYS A 524 27.86 6.02 -11.39
C LYS A 524 27.15 5.31 -12.56
N MET A 525 26.18 4.42 -12.26
CA MET A 525 25.47 3.61 -13.26
C MET A 525 24.68 4.43 -14.29
N GLN A 526 24.10 5.57 -13.90
CA GLN A 526 23.31 6.40 -14.82
C GLN A 526 24.17 7.09 -15.92
N ASP A 527 25.48 7.26 -15.70
CA ASP A 527 26.38 7.92 -16.65
C ASP A 527 26.92 6.97 -17.71
N THR A 528 27.12 5.69 -17.37
CA THR A 528 27.67 4.71 -18.30
C THR A 528 26.66 4.38 -19.42
N LYS A 529 27.06 4.62 -20.69
CA LYS A 529 26.22 4.31 -21.86
C LYS A 529 26.52 2.85 -22.20
N VAL A 530 25.52 1.96 -22.04
CA VAL A 530 25.70 0.52 -22.24
C VAL A 530 24.94 -0.02 -23.45
N GLU A 531 25.68 -0.62 -24.40
CA GLU A 531 25.14 -1.32 -25.56
C GLU A 531 25.50 -2.81 -25.34
N MET A 532 24.87 -3.73 -26.07
CA MET A 532 25.08 -5.16 -25.88
C MET A 532 26.47 -5.66 -26.32
N HIS A 533 27.02 -5.14 -27.44
CA HIS A 533 28.29 -5.60 -28.02
C HIS A 533 29.52 -5.52 -27.07
N GLU A 534 29.58 -4.61 -26.08
CA GLU A 534 30.76 -4.52 -25.19
C GLU A 534 30.58 -5.29 -23.85
N LEU A 535 29.43 -5.93 -23.61
CA LEU A 535 29.21 -6.69 -22.36
C LEU A 535 29.75 -8.12 -22.52
N GLU A 536 30.86 -8.44 -21.82
CA GLU A 536 31.47 -9.78 -21.87
C GLU A 536 30.92 -10.65 -20.74
N THR A 537 30.35 -11.81 -21.08
CA THR A 537 29.75 -12.74 -20.11
C THR A 537 30.84 -13.51 -19.32
N GLU A 538 30.84 -13.37 -17.98
CA GLU A 538 31.81 -14.06 -17.11
C GLU A 538 31.30 -15.46 -16.72
N ARG A 539 30.12 -15.52 -16.10
CA ARG A 539 29.55 -16.79 -15.62
C ARG A 539 28.04 -16.70 -15.36
N ILE A 540 27.36 -17.87 -15.33
CA ILE A 540 25.92 -17.95 -15.07
C ILE A 540 25.74 -17.98 -13.54
N ILE A 541 24.87 -17.11 -13.00
CA ILE A 541 24.63 -17.01 -11.55
C ILE A 541 23.20 -17.46 -11.16
N GLY A 542 22.21 -17.25 -12.03
CA GLY A 542 20.81 -17.64 -11.79
C GLY A 542 20.25 -18.49 -12.91
N ARG A 543 19.08 -19.12 -12.67
CA ARG A 543 18.42 -19.97 -13.67
C ARG A 543 16.92 -20.12 -13.37
N GLY A 544 16.11 -20.19 -14.42
CA GLY A 544 14.67 -20.34 -14.30
C GLY A 544 14.01 -20.82 -15.58
N GLY A 547 14.66 -17.78 -19.47
CA GLY A 547 14.78 -17.28 -18.11
C GLY A 547 16.09 -17.68 -17.46
N THR A 548 17.09 -16.78 -17.49
CA THR A 548 18.41 -17.05 -16.91
C THR A 548 19.15 -15.73 -16.61
N VAL A 549 19.92 -15.70 -15.51
CA VAL A 549 20.68 -14.53 -15.08
C VAL A 549 22.17 -14.81 -15.31
N LYS A 550 22.89 -13.87 -15.93
CA LYS A 550 24.31 -14.02 -16.26
C LYS A 550 25.11 -12.82 -15.75
N LEU A 551 26.31 -13.08 -15.20
CA LEU A 551 27.22 -12.04 -14.71
C LEU A 551 27.92 -11.46 -15.94
N VAL A 552 27.87 -10.14 -16.14
CA VAL A 552 28.47 -9.48 -17.30
C VAL A 552 29.48 -8.41 -16.86
N HIS A 553 30.54 -8.21 -17.67
CA HIS A 553 31.61 -7.25 -17.42
C HIS A 553 31.61 -6.17 -18.51
N HIS A 554 31.50 -4.90 -18.12
CA HIS A 554 31.51 -3.77 -19.06
C HIS A 554 32.99 -3.40 -19.28
N LYS A 555 33.53 -3.69 -20.48
CA LYS A 555 34.95 -3.48 -20.80
C LYS A 555 35.37 -1.99 -20.76
N PRO A 556 34.60 -1.01 -21.28
CA PRO A 556 35.05 0.39 -21.25
C PRO A 556 35.20 0.97 -19.83
N THR A 557 34.20 0.77 -18.95
CA THR A 557 34.21 1.32 -17.58
C THR A 557 34.77 0.36 -16.52
N GLN A 558 34.89 -0.96 -16.82
CA GLN A 558 35.38 -2.00 -15.90
C GLN A 558 34.40 -2.20 -14.71
N ILE A 559 33.10 -1.85 -14.87
CA ILE A 559 32.09 -2.02 -13.83
C ILE A 559 31.37 -3.34 -14.10
N ARG A 560 31.13 -4.13 -13.04
CA ARG A 560 30.46 -5.43 -13.15
C ARG A 560 28.96 -5.28 -12.90
N TYR A 561 28.12 -5.95 -13.73
CA TYR A 561 26.65 -5.90 -13.63
C TYR A 561 26.05 -7.31 -13.70
N ALA A 562 24.74 -7.41 -13.45
CA ALA A 562 23.95 -8.64 -13.53
C ALA A 562 22.94 -8.47 -14.68
N LEU A 563 22.83 -9.48 -15.57
CA LEU A 563 21.95 -9.41 -16.74
C LEU A 563 20.94 -10.58 -16.81
N LYS A 564 19.63 -10.27 -16.75
CA LYS A 564 18.56 -11.27 -16.87
C LYS A 564 18.33 -11.54 -18.36
N CYS A 565 17.82 -12.73 -18.71
CA CYS A 565 17.53 -13.09 -20.10
C CYS A 565 16.17 -13.82 -20.15
N VAL A 566 15.07 -13.05 -20.18
CA VAL A 566 13.72 -13.58 -20.23
C VAL A 566 13.43 -14.01 -21.66
N SER A 567 13.21 -15.32 -21.90
CA SER A 567 12.93 -15.85 -23.24
C SER A 567 11.57 -15.40 -23.76
N LYS A 568 11.49 -15.04 -25.06
CA LYS A 568 10.25 -14.60 -25.70
C LYS A 568 9.28 -15.78 -25.87
N ARG A 569 9.81 -16.99 -26.13
CA ARG A 569 8.99 -18.21 -26.27
C ARG A 569 8.33 -18.59 -24.94
N SER A 570 9.01 -18.32 -23.80
CA SER A 570 8.46 -18.61 -22.46
C SER A 570 7.31 -17.66 -22.13
N ILE A 571 7.42 -16.37 -22.51
CA ILE A 571 6.37 -15.36 -22.28
C ILE A 571 5.15 -15.62 -23.18
N ILE A 572 5.38 -16.06 -24.43
CA ILE A 572 4.30 -16.36 -25.38
C ILE A 572 3.56 -17.66 -25.02
N SER A 573 4.26 -18.66 -24.46
CA SER A 573 3.64 -19.94 -24.07
C SER A 573 2.70 -19.79 -22.88
N LEU A 574 3.12 -19.02 -21.84
CA LEU A 574 2.31 -18.80 -20.64
C LEU A 574 1.28 -17.65 -20.82
N ASN A 575 1.32 -16.92 -21.97
CA ASN A 575 0.42 -15.81 -22.32
C ASN A 575 0.69 -14.60 -21.39
N GLN A 576 1.95 -14.16 -21.35
CA GLN A 576 2.40 -13.02 -20.54
C GLN A 576 2.98 -11.94 -21.46
N GLN A 577 2.22 -11.57 -22.51
CA GLN A 577 2.65 -10.55 -23.48
C GLN A 577 2.51 -9.13 -22.90
N ASN A 578 1.43 -8.88 -22.13
CA ASN A 578 1.17 -7.57 -21.51
C ASN A 578 1.83 -7.47 -20.13
N ASN A 579 1.90 -8.58 -19.37
CA ASN A 579 2.49 -8.59 -18.02
C ASN A 579 3.99 -8.28 -18.01
N ILE A 580 4.76 -8.74 -19.02
CA ILE A 580 6.20 -8.45 -19.12
C ILE A 580 6.41 -6.94 -19.36
N LYS A 581 5.49 -6.26 -20.07
CA LYS A 581 5.57 -4.82 -20.30
C LYS A 581 5.37 -4.04 -19.00
N LEU A 582 4.41 -4.48 -18.15
CA LEU A 582 4.15 -3.83 -16.86
C LEU A 582 5.27 -4.11 -15.85
N GLU A 583 5.98 -5.26 -15.98
CA GLU A 583 7.11 -5.60 -15.11
C GLU A 583 8.27 -4.62 -15.37
N ARG A 584 8.49 -4.25 -16.65
CA ARG A 584 9.53 -3.30 -17.05
C ARG A 584 9.26 -1.91 -16.44
N GLU A 585 7.97 -1.51 -16.40
CA GLU A 585 7.55 -0.21 -15.84
C GLU A 585 7.78 -0.14 -14.33
N ILE A 586 7.50 -1.24 -13.60
CA ILE A 586 7.69 -1.30 -12.13
C ILE A 586 9.18 -1.30 -11.78
N THR A 587 9.94 -2.24 -12.38
CA THR A 587 11.38 -2.41 -12.11
C THR A 587 12.21 -1.16 -12.46
N ALA A 588 11.86 -0.45 -13.55
CA ALA A 588 12.59 0.74 -13.98
C ALA A 588 12.36 1.93 -13.05
N GLU A 589 11.12 2.13 -12.58
CA GLU A 589 10.77 3.24 -11.69
C GLU A 589 11.30 3.07 -10.26
N ASN A 590 11.64 1.83 -9.83
CA ASN A 590 12.13 1.58 -8.46
C ASN A 590 13.51 2.19 -8.21
N ASP A 591 13.59 3.09 -7.20
CA ASP A 591 14.83 3.75 -6.79
C ASP A 591 14.88 3.85 -5.26
N HIS A 592 15.19 2.71 -4.61
CA HIS A 592 15.28 2.59 -3.14
C HIS A 592 16.54 1.78 -2.79
N PRO A 593 17.26 2.10 -1.68
CA PRO A 593 18.48 1.35 -1.35
C PRO A 593 18.31 -0.16 -1.13
N PHE A 594 17.09 -0.64 -0.76
CA PHE A 594 16.86 -2.07 -0.53
C PHE A 594 16.02 -2.73 -1.64
N ILE A 595 16.00 -2.14 -2.85
CA ILE A 595 15.34 -2.69 -4.04
C ILE A 595 16.39 -2.62 -5.17
N ILE A 596 16.42 -3.63 -6.06
CA ILE A 596 17.38 -3.69 -7.15
C ILE A 596 17.17 -2.51 -8.12
N ARG A 597 18.28 -1.85 -8.52
CA ARG A 597 18.26 -0.69 -9.40
C ARG A 597 18.53 -1.10 -10.84
N LEU A 598 17.59 -0.82 -11.76
CA LEU A 598 17.71 -1.14 -13.18
C LEU A 598 18.57 -0.11 -13.90
N VAL A 599 19.33 -0.56 -14.91
CA VAL A 599 20.22 0.28 -15.71
C VAL A 599 19.60 0.51 -17.10
N ARG A 600 19.34 -0.57 -17.86
CA ARG A 600 18.77 -0.50 -19.21
C ARG A 600 18.18 -1.85 -19.64
N THR A 601 17.13 -1.84 -20.49
CA THR A 601 16.48 -3.05 -21.01
C THR A 601 16.64 -3.13 -22.53
N PHE A 602 17.05 -4.32 -23.04
CA PHE A 602 17.24 -4.58 -24.48
C PHE A 602 16.16 -5.55 -24.99
N LYS A 603 16.04 -5.66 -26.32
CA LYS A 603 15.06 -6.55 -26.97
C LYS A 603 15.45 -6.87 -28.42
N ASP A 604 15.05 -8.06 -28.91
CA ASP A 604 15.33 -8.50 -30.28
C ASP A 604 14.40 -9.63 -30.72
N CYS A 607 15.28 -11.94 -27.73
CA CYS A 607 14.49 -12.05 -26.51
C CYS A 607 14.74 -10.85 -25.58
N PHE A 608 13.93 -10.72 -24.51
CA PHE A 608 14.03 -9.61 -23.56
C PHE A 608 15.25 -9.73 -22.62
N TYR A 609 15.72 -8.59 -22.10
CA TYR A 609 16.85 -8.50 -21.18
C TYR A 609 16.62 -7.40 -20.12
N PHE A 610 17.28 -7.53 -18.95
CA PHE A 610 17.21 -6.56 -17.85
C PHE A 610 18.59 -6.41 -17.18
N LEU A 611 19.31 -5.30 -17.44
CA LEU A 611 20.63 -5.04 -16.86
C LEU A 611 20.46 -4.32 -15.52
N THR A 612 20.92 -4.94 -14.41
CA THR A 612 20.82 -4.39 -13.06
C THR A 612 22.19 -4.38 -12.36
N GLU A 613 22.27 -3.79 -11.16
CA GLU A 613 23.49 -3.76 -10.36
C GLU A 613 23.85 -5.18 -9.88
N LEU A 614 25.15 -5.47 -9.72
CA LEU A 614 25.60 -6.79 -9.27
C LEU A 614 25.55 -6.86 -7.74
N VAL A 615 24.69 -7.73 -7.21
CA VAL A 615 24.52 -7.96 -5.77
C VAL A 615 25.38 -9.20 -5.46
N THR A 616 26.49 -9.03 -4.70
CA THR A 616 27.47 -10.08 -4.43
C THR A 616 27.42 -10.77 -3.05
N GLY A 617 26.67 -10.24 -2.09
CA GLY A 617 26.62 -10.81 -0.74
C GLY A 617 25.89 -12.13 -0.54
N GLY A 618 25.25 -12.65 -1.57
CA GLY A 618 24.54 -13.93 -1.50
C GLY A 618 23.03 -13.80 -1.36
N GLU A 619 22.37 -14.90 -0.97
CA GLU A 619 20.92 -14.97 -0.81
C GLU A 619 20.50 -14.87 0.66
N LEU A 620 19.34 -14.23 0.93
CA LEU A 620 18.79 -14.13 2.30
C LEU A 620 18.32 -15.52 2.76
N TYR A 621 17.87 -16.36 1.80
CA TYR A 621 17.43 -17.73 2.05
C TYR A 621 18.58 -18.52 2.73
N ASP A 622 19.79 -18.43 2.15
CA ASP A 622 20.99 -19.09 2.68
C ASP A 622 21.51 -18.40 3.94
N ALA A 623 21.36 -17.07 4.07
CA ALA A 623 21.81 -16.33 5.25
C ALA A 623 21.11 -16.79 6.52
N ILE A 624 19.77 -16.96 6.47
CA ILE A 624 19.01 -17.43 7.63
C ILE A 624 19.36 -18.91 7.94
N ARG A 625 19.74 -19.71 6.91
CA ARG A 625 20.17 -21.10 7.14
C ARG A 625 21.52 -21.11 7.88
N LYS A 626 22.45 -20.21 7.50
CA LYS A 626 23.76 -20.07 8.16
C LYS A 626 23.62 -19.62 9.63
N LEU A 627 22.64 -18.73 9.91
CA LEU A 627 22.39 -18.20 11.25
C LEU A 627 21.47 -19.11 12.10
N GLY A 628 20.62 -19.90 11.45
CA GLY A 628 19.67 -20.76 12.14
C GLY A 628 18.45 -19.96 12.55
N LEU A 629 17.98 -20.14 13.80
CA LEU A 629 16.83 -19.36 14.30
C LEU A 629 17.35 -17.98 14.68
N LEU A 630 16.80 -16.93 14.06
CA LEU A 630 17.23 -15.56 14.30
C LEU A 630 16.81 -15.04 15.67
N SER A 631 17.63 -14.18 16.26
CA SER A 631 17.36 -13.54 17.54
C SER A 631 16.58 -12.24 17.28
N LYS A 632 16.19 -11.51 18.34
CA LYS A 632 15.42 -10.27 18.20
C LYS A 632 16.21 -9.20 17.41
N PRO A 633 17.51 -8.94 17.71
CA PRO A 633 18.24 -7.93 16.92
C PRO A 633 18.41 -8.30 15.45
N GLN A 634 18.60 -9.59 15.14
CA GLN A 634 18.79 -10.07 13.77
C GLN A 634 17.48 -10.09 13.00
N ALA A 635 16.38 -10.54 13.64
CA ALA A 635 15.05 -10.58 13.00
C ALA A 635 14.52 -9.15 12.75
N GLN A 636 14.80 -8.21 13.67
CA GLN A 636 14.42 -6.80 13.54
C GLN A 636 15.07 -6.19 12.28
N PHE A 637 16.37 -6.44 12.10
CA PHE A 637 17.14 -5.91 10.97
C PHE A 637 16.57 -6.35 9.62
N TYR A 638 16.44 -7.67 9.38
CA TYR A 638 15.96 -8.17 8.09
C TYR A 638 14.50 -7.82 7.84
N LEU A 639 13.61 -7.94 8.86
CA LEU A 639 12.20 -7.57 8.68
C LEU A 639 12.04 -6.06 8.47
N GLY A 640 12.85 -5.28 9.18
CA GLY A 640 12.87 -3.83 9.04
C GLY A 640 13.31 -3.39 7.66
N SER A 641 14.30 -4.10 7.08
CA SER A 641 14.79 -3.81 5.73
C SER A 641 13.72 -4.16 4.69
N ILE A 642 12.95 -5.24 4.93
CA ILE A 642 11.85 -5.66 4.05
C ILE A 642 10.71 -4.63 4.17
N ILE A 643 10.36 -4.22 5.41
CA ILE A 643 9.29 -3.24 5.68
C ILE A 643 9.50 -1.95 4.88
N LEU A 644 10.72 -1.39 4.85
CA LEU A 644 10.99 -0.14 4.13
C LEU A 644 10.86 -0.31 2.62
N ALA A 645 11.28 -1.48 2.07
CA ALA A 645 11.16 -1.74 0.64
C ALA A 645 9.69 -1.96 0.26
N ILE A 646 8.91 -2.66 1.11
CA ILE A 646 7.49 -2.91 0.86
C ILE A 646 6.69 -1.60 1.06
N GLU A 647 7.06 -0.77 2.07
CA GLU A 647 6.41 0.52 2.31
C GLU A 647 6.59 1.44 1.11
N TYR A 648 7.80 1.45 0.52
CA TYR A 648 8.14 2.24 -0.67
C TYR A 648 7.23 1.85 -1.85
N LEU A 649 7.03 0.54 -2.06
CA LEU A 649 6.16 0.03 -3.13
C LEU A 649 4.69 0.36 -2.85
N HIS A 650 4.25 0.25 -1.58
CA HIS A 650 2.87 0.57 -1.20
C HIS A 650 2.57 2.07 -1.35
N GLU A 651 3.59 2.93 -1.12
CA GLU A 651 3.44 4.39 -1.31
C GLU A 651 3.26 4.74 -2.79
N ARG A 652 3.87 3.93 -3.70
CA ARG A 652 3.77 4.11 -5.15
C ARG A 652 2.62 3.25 -5.76
N ASN A 653 1.68 2.76 -4.91
CA ASN A 653 0.51 1.96 -5.29
C ASN A 653 0.90 0.69 -6.08
N ILE A 654 1.91 -0.04 -5.57
CA ILE A 654 2.39 -1.29 -6.16
C ILE A 654 2.28 -2.38 -5.11
N VAL A 655 1.67 -3.53 -5.47
CA VAL A 655 1.57 -4.69 -4.58
C VAL A 655 2.56 -5.72 -5.12
N TYR A 656 3.40 -6.28 -4.23
CA TYR A 656 4.45 -7.24 -4.61
C TYR A 656 3.88 -8.62 -4.94
N ARG A 657 2.95 -9.13 -4.12
CA ARG A 657 2.26 -10.42 -4.30
C ARG A 657 3.19 -11.67 -4.26
N ASP A 658 4.47 -11.56 -3.84
CA ASP A 658 5.37 -12.72 -3.79
C ASP A 658 6.56 -12.47 -2.85
N LEU A 659 6.27 -12.00 -1.63
CA LEU A 659 7.30 -11.73 -0.63
C LEU A 659 7.77 -13.02 0.03
N LYS A 660 9.06 -13.34 -0.10
CA LYS A 660 9.67 -14.54 0.49
C LYS A 660 11.20 -14.39 0.52
N PRO A 661 11.93 -15.10 1.40
CA PRO A 661 13.41 -14.97 1.42
C PRO A 661 14.12 -15.39 0.12
N GLU A 662 13.49 -16.28 -0.69
CA GLU A 662 14.07 -16.72 -1.97
C GLU A 662 14.24 -15.57 -2.97
N ASN A 663 13.34 -14.55 -2.94
CA ASN A 663 13.39 -13.39 -3.83
C ASN A 663 14.13 -12.17 -3.21
N ILE A 664 15.00 -12.40 -2.20
CA ILE A 664 15.76 -11.33 -1.54
C ILE A 664 17.24 -11.72 -1.48
N LEU A 665 18.13 -10.85 -2.00
CA LEU A 665 19.58 -11.06 -1.99
C LEU A 665 20.23 -10.09 -1.01
N LEU A 666 21.48 -10.36 -0.60
CA LEU A 666 22.25 -9.49 0.29
C LEU A 666 23.41 -8.87 -0.48
N ASP A 667 23.74 -7.60 -0.18
CA ASP A 667 24.85 -6.90 -0.84
C ASP A 667 26.16 -7.13 -0.05
N LYS A 668 27.29 -6.61 -0.56
CA LYS A 668 28.61 -6.74 0.08
C LYS A 668 28.63 -6.24 1.55
N GLN A 669 27.83 -5.20 1.86
CA GLN A 669 27.75 -4.65 3.22
C GLN A 669 26.88 -5.48 4.18
N GLY A 670 26.05 -6.38 3.64
CA GLY A 670 25.15 -7.23 4.43
C GLY A 670 23.71 -6.76 4.49
N TYR A 671 23.33 -5.80 3.61
CA TYR A 671 21.98 -5.25 3.54
C TYR A 671 21.19 -5.93 2.43
N VAL A 672 19.85 -6.01 2.58
CA VAL A 672 18.99 -6.73 1.65
C VAL A 672 18.79 -5.98 0.31
N LYS A 673 18.30 -6.74 -0.69
CA LYS A 673 17.98 -6.26 -2.04
C LYS A 673 16.83 -7.10 -2.63
N LEU A 674 15.63 -6.51 -2.76
CA LEU A 674 14.45 -7.18 -3.35
C LEU A 674 14.67 -7.26 -4.87
N ILE A 675 14.31 -8.39 -5.55
CA ILE A 675 14.62 -8.55 -7.00
C ILE A 675 13.46 -9.02 -7.91
N ASP A 676 12.65 -10.03 -7.56
CA ASP A 676 11.64 -10.57 -8.46
C ASP A 676 10.37 -9.71 -8.51
N PHE A 677 10.12 -9.01 -9.65
CA PHE A 677 8.92 -8.18 -9.82
C PHE A 677 7.99 -8.77 -10.91
N GLY A 678 8.01 -10.10 -11.08
CA GLY A 678 7.16 -10.79 -12.03
C GLY A 678 5.72 -10.83 -11.58
N CYS A 679 5.50 -11.14 -10.29
CA CYS A 679 4.17 -11.19 -9.68
C CYS A 679 3.69 -9.79 -9.26
N ALA A 680 4.59 -8.80 -9.15
CA ALA A 680 4.23 -7.44 -8.76
C ALA A 680 3.31 -6.75 -9.77
N LYS A 681 2.39 -5.88 -9.29
CA LYS A 681 1.44 -5.18 -10.14
C LYS A 681 1.06 -3.81 -9.56
N LYS A 682 0.85 -2.82 -10.44
CA LYS A 682 0.41 -1.48 -10.03
C LYS A 682 -1.09 -1.55 -9.73
N ILE A 683 -1.46 -1.52 -8.44
CA ILE A 683 -2.86 -1.63 -8.01
C ILE A 683 -3.60 -0.29 -8.14
N GLN A 684 -4.88 -0.37 -8.54
CA GLN A 684 -5.78 0.77 -8.65
C GLN A 684 -7.18 0.23 -8.30
N GLY A 685 -7.41 0.04 -7.00
CA GLY A 685 -8.64 -0.51 -6.45
C GLY A 685 -8.40 -1.85 -5.77
N ARG A 686 -9.02 -2.93 -6.28
CA ARG A 686 -8.90 -4.28 -5.72
C ARG A 686 -8.51 -5.28 -6.81
N ALA A 687 -7.51 -6.14 -6.54
CA ALA A 687 -7.05 -7.18 -7.46
C ALA A 687 -7.72 -8.50 -7.07
N TYR A 688 -8.01 -9.36 -8.06
CA TYR A 688 -8.68 -10.65 -7.85
C TYR A 688 -7.92 -11.87 -8.42
N THR A 689 -6.84 -11.68 -9.20
CA THR A 689 -6.09 -12.79 -9.79
C THR A 689 -5.30 -13.55 -8.74
N LEU A 690 -5.47 -14.88 -8.66
CA LEU A 690 -4.76 -15.70 -7.68
C LEU A 690 -3.31 -15.94 -8.13
N VAL A 691 -2.35 -15.26 -7.48
CA VAL A 691 -0.91 -15.40 -7.78
C VAL A 691 -0.09 -15.37 -6.49
N GLY A 692 1.16 -15.78 -6.60
CA GLY A 692 2.11 -15.83 -5.49
C GLY A 692 2.44 -17.26 -5.11
N THR A 693 3.29 -17.43 -4.09
CA THR A 693 3.70 -18.74 -3.60
C THR A 693 2.65 -19.22 -2.58
N PRO A 694 2.12 -20.47 -2.70
CA PRO A 694 1.07 -20.93 -1.77
C PRO A 694 1.37 -20.76 -0.28
N HIS A 695 2.61 -21.08 0.15
CA HIS A 695 3.00 -20.95 1.56
C HIS A 695 3.00 -19.50 2.07
N TYR A 696 3.27 -18.52 1.20
CA TYR A 696 3.33 -17.10 1.56
C TYR A 696 2.09 -16.31 1.13
N MET A 697 1.10 -16.97 0.48
CA MET A 697 -0.13 -16.29 0.03
C MET A 697 -1.06 -15.99 1.20
N ALA A 698 -1.80 -14.89 1.10
CA ALA A 698 -2.74 -14.42 2.12
C ALA A 698 -4.13 -15.04 1.92
N PRO A 699 -4.95 -15.16 2.99
CA PRO A 699 -6.29 -15.77 2.83
C PRO A 699 -7.22 -15.04 1.87
N GLU A 700 -7.19 -13.69 1.83
CA GLU A 700 -8.04 -12.90 0.92
C GLU A 700 -7.74 -13.18 -0.57
N VAL A 701 -6.51 -13.63 -0.90
CA VAL A 701 -6.14 -13.98 -2.28
C VAL A 701 -6.82 -15.31 -2.62
N ILE A 702 -6.81 -16.25 -1.65
CA ILE A 702 -7.38 -17.59 -1.82
C ILE A 702 -8.92 -17.52 -1.81
N LEU A 703 -9.52 -16.67 -0.95
CA LEU A 703 -10.99 -16.55 -0.86
C LEU A 703 -11.63 -15.94 -2.12
N GLY A 704 -10.87 -15.17 -2.90
CA GLY A 704 -11.34 -14.58 -4.14
C GLY A 704 -12.35 -13.45 -4.01
N LYS A 705 -12.40 -12.77 -2.84
CA LYS A 705 -13.32 -11.66 -2.59
C LYS A 705 -12.57 -10.30 -2.55
N GLY A 706 -11.62 -10.14 -3.47
CA GLY A 706 -10.83 -8.91 -3.59
C GLY A 706 -9.71 -8.76 -2.58
N TYR A 707 -8.60 -8.14 -3.01
CA TYR A 707 -7.44 -7.88 -2.17
C TYR A 707 -6.64 -6.68 -2.70
N GLY A 708 -5.88 -6.05 -1.81
CA GLY A 708 -5.05 -4.88 -2.13
C GLY A 708 -3.61 -5.08 -1.72
N CYS A 709 -2.96 -3.99 -1.27
CA CYS A 709 -1.56 -4.02 -0.83
C CYS A 709 -1.37 -4.78 0.51
N THR A 710 -2.48 -5.06 1.25
CA THR A 710 -2.44 -5.74 2.54
C THR A 710 -1.88 -7.19 2.47
N VAL A 711 -1.86 -7.83 1.28
CA VAL A 711 -1.36 -9.21 1.12
C VAL A 711 0.13 -9.35 1.46
N ASP A 712 0.94 -8.31 1.23
CA ASP A 712 2.37 -8.35 1.52
C ASP A 712 2.64 -8.29 3.02
N ILE A 713 1.73 -7.67 3.80
CA ILE A 713 1.85 -7.59 5.27
C ILE A 713 1.59 -8.99 5.89
N TRP A 714 0.79 -9.86 5.22
CA TRP A 714 0.57 -11.23 5.69
C TRP A 714 1.87 -12.01 5.47
N ALA A 715 2.42 -11.94 4.24
CA ALA A 715 3.68 -12.60 3.87
C ALA A 715 4.85 -12.11 4.74
N LEU A 716 4.78 -10.87 5.24
CA LEU A 716 5.78 -10.30 6.14
C LEU A 716 5.76 -11.10 7.46
N GLY A 717 4.55 -11.41 7.96
CA GLY A 717 4.37 -12.23 9.15
C GLY A 717 4.87 -13.65 8.97
N VAL A 718 4.71 -14.21 7.74
CA VAL A 718 5.19 -15.55 7.40
C VAL A 718 6.74 -15.54 7.44
N CYS A 719 7.38 -14.45 6.96
CA CYS A 719 8.84 -14.32 6.98
C CYS A 719 9.33 -14.20 8.43
N LEU A 720 8.66 -13.37 9.25
CA LEU A 720 9.01 -13.22 10.67
C LEU A 720 8.87 -14.55 11.42
N TYR A 721 7.86 -15.37 11.06
CA TYR A 721 7.64 -16.68 11.67
C TYR A 721 8.80 -17.63 11.35
N GLU A 722 9.25 -17.68 10.08
CA GLU A 722 10.40 -18.51 9.69
C GLU A 722 11.66 -18.08 10.42
N PHE A 723 11.88 -16.76 10.57
CA PHE A 723 13.08 -16.23 11.22
C PHE A 723 13.15 -16.58 12.70
N ILE A 724 12.05 -16.35 13.43
CA ILE A 724 12.00 -16.58 14.87
C ILE A 724 11.83 -18.06 15.21
N CYS A 725 10.82 -18.71 14.62
CA CYS A 725 10.45 -20.09 14.93
C CYS A 725 11.24 -21.13 14.11
N GLY A 726 11.33 -20.94 12.79
CA GLY A 726 12.04 -21.87 11.91
C GLY A 726 11.20 -22.36 10.75
N PRO A 727 10.23 -23.26 11.00
CA PRO A 727 9.38 -23.75 9.90
C PRO A 727 8.33 -22.73 9.51
N LEU A 728 7.53 -23.01 8.46
CA LEU A 728 6.48 -22.09 8.02
C LEU A 728 5.29 -22.21 8.99
N PRO A 729 4.47 -21.14 9.15
CA PRO A 729 3.33 -21.22 10.07
C PRO A 729 2.18 -22.11 9.59
N PHE A 730 1.96 -22.19 8.26
CA PHE A 730 0.86 -22.97 7.68
C PHE A 730 1.34 -23.91 6.58
N GLY A 731 1.19 -25.22 6.80
CA GLY A 731 1.55 -26.25 5.84
C GLY A 731 3.02 -26.36 5.54
N ASN A 732 3.85 -26.62 6.57
CA ASN A 732 5.30 -26.75 6.38
C ASN A 732 5.64 -28.07 5.69
N ASP A 733 5.21 -29.19 6.28
CA ASP A 733 5.47 -30.54 5.72
C ASP A 733 4.57 -30.83 4.50
N GLN A 734 3.40 -30.18 4.40
CA GLN A 734 2.46 -30.39 3.30
C GLN A 734 3.01 -29.89 1.95
N GLU A 735 2.83 -30.69 0.89
CA GLU A 735 3.21 -30.37 -0.49
C GLU A 735 1.99 -30.07 -1.37
N ASP A 736 0.81 -30.67 -1.06
CA ASP A 736 -0.42 -30.44 -1.82
C ASP A 736 -0.86 -28.99 -1.60
N GLN A 737 -1.27 -28.29 -2.68
CA GLN A 737 -1.66 -26.88 -2.59
C GLN A 737 -2.96 -26.71 -1.78
N LEU A 738 -3.94 -27.62 -1.97
CA LEU A 738 -5.21 -27.60 -1.24
C LEU A 738 -4.99 -27.66 0.27
N GLU A 739 -4.10 -28.56 0.74
CA GLU A 739 -3.81 -28.71 2.16
C GLU A 739 -3.03 -27.51 2.72
N ILE A 740 -2.21 -26.84 1.89
CA ILE A 740 -1.49 -25.63 2.31
C ILE A 740 -2.53 -24.51 2.43
N PHE A 741 -3.43 -24.39 1.44
CA PHE A 741 -4.50 -23.38 1.45
C PHE A 741 -5.51 -23.64 2.57
N ARG A 742 -5.76 -24.91 2.92
CA ARG A 742 -6.68 -25.28 4.00
C ARG A 742 -6.10 -24.86 5.36
N ASP A 743 -4.79 -25.07 5.56
CA ASP A 743 -4.10 -24.70 6.80
C ASP A 743 -4.06 -23.17 6.96
N ILE A 744 -3.98 -22.42 5.83
CA ILE A 744 -3.96 -20.95 5.86
C ILE A 744 -5.34 -20.39 6.29
N LEU A 745 -6.44 -20.99 5.80
CA LEU A 745 -7.79 -20.51 6.10
C LEU A 745 -8.36 -21.07 7.41
N THR A 746 -8.52 -22.39 7.52
CA THR A 746 -9.14 -23.04 8.69
C THR A 746 -8.16 -23.46 9.80
N GLY A 747 -6.87 -23.59 9.49
CA GLY A 747 -5.86 -24.04 10.45
C GLY A 747 -5.65 -23.17 11.67
N GLN A 748 -4.91 -23.72 12.64
CA GLN A 748 -4.61 -23.06 13.91
C GLN A 748 -3.16 -22.57 13.93
N LEU A 749 -2.94 -21.29 14.27
CA LEU A 749 -1.60 -20.72 14.36
C LEU A 749 -1.04 -21.06 15.74
N THR A 750 0.08 -21.81 15.79
CA THR A 750 0.73 -22.21 17.03
C THR A 750 2.18 -21.72 17.00
N PHE A 751 2.86 -21.69 18.16
CA PHE A 751 4.25 -21.26 18.25
C PHE A 751 5.07 -22.26 19.08
N PRO A 752 6.36 -22.51 18.74
CA PRO A 752 7.14 -23.47 19.55
C PRO A 752 7.41 -23.01 20.97
N ASP A 753 7.74 -23.97 21.84
CA ASP A 753 8.04 -23.72 23.26
C ASP A 753 9.37 -22.96 23.47
N TYR A 754 10.30 -22.99 22.50
CA TYR A 754 11.58 -22.28 22.63
C TYR A 754 11.45 -20.76 22.38
N VAL A 755 10.33 -20.29 21.79
CA VAL A 755 10.10 -18.85 21.56
C VAL A 755 9.68 -18.25 22.91
N SER A 756 10.56 -17.45 23.55
CA SER A 756 10.32 -16.86 24.87
C SER A 756 9.96 -15.36 24.87
N ASP A 757 9.96 -14.69 23.71
CA ASP A 757 9.65 -13.25 23.62
C ASP A 757 8.17 -12.99 23.30
N GLN A 758 7.47 -12.22 24.17
CA GLN A 758 6.05 -11.86 23.99
C GLN A 758 5.83 -10.98 22.75
N ASP A 759 6.68 -9.94 22.61
CA ASP A 759 6.57 -8.96 21.51
C ASP A 759 6.73 -9.62 20.14
N SER A 760 7.56 -10.68 20.04
CA SER A 760 7.73 -11.41 18.78
C SER A 760 6.42 -12.10 18.43
N ILE A 761 5.85 -12.87 19.38
CA ILE A 761 4.59 -13.60 19.19
C ILE A 761 3.43 -12.64 18.92
N ASN A 762 3.32 -11.56 19.70
CA ASN A 762 2.24 -10.57 19.52
C ASN A 762 2.29 -9.97 18.11
N LEU A 763 3.49 -9.63 17.60
CA LEU A 763 3.62 -9.08 16.26
C LEU A 763 3.30 -10.15 15.21
N MET A 764 3.82 -11.37 15.38
CA MET A 764 3.56 -12.48 14.45
C MET A 764 2.07 -12.81 14.36
N LYS A 765 1.36 -12.83 15.50
CA LYS A 765 -0.09 -13.10 15.51
C LYS A 765 -0.88 -11.97 14.87
N ARG A 766 -0.47 -10.71 15.11
CA ARG A 766 -1.14 -9.55 14.51
C ARG A 766 -0.88 -9.48 13.00
N LEU A 767 0.32 -9.86 12.54
CA LEU A 767 0.64 -9.91 11.10
C LEU A 767 -0.04 -11.11 10.44
N LEU A 768 -0.29 -12.21 11.18
CA LEU A 768 -0.97 -13.39 10.65
C LEU A 768 -2.42 -13.42 11.14
N CYS A 769 -3.15 -12.31 10.89
CA CYS A 769 -4.55 -12.11 11.25
C CYS A 769 -5.33 -12.24 9.94
N ARG A 770 -6.12 -13.32 9.78
CA ARG A 770 -6.85 -13.61 8.54
C ARG A 770 -7.63 -12.42 7.97
N LEU A 771 -8.38 -11.69 8.81
CA LEU A 771 -9.15 -10.52 8.34
C LEU A 771 -8.19 -9.33 8.12
N PRO A 772 -8.07 -8.78 6.89
CA PRO A 772 -7.16 -7.63 6.68
C PRO A 772 -7.58 -6.33 7.40
N GLN A 773 -8.84 -6.20 7.87
CA GLN A 773 -9.31 -5.00 8.57
CA GLN A 773 -9.30 -5.00 8.57
C GLN A 773 -8.64 -4.93 9.95
N GLY A 774 -8.59 -6.07 10.64
CA GLY A 774 -7.99 -6.19 11.97
C GLY A 774 -6.48 -6.44 11.96
N ARG A 775 -5.87 -6.68 10.79
CA ARG A 775 -4.44 -6.92 10.67
C ARG A 775 -3.64 -5.63 10.91
N ILE A 776 -2.52 -5.74 11.66
CA ILE A 776 -1.65 -4.60 11.96
C ILE A 776 -1.02 -4.06 10.67
N GLY A 777 -0.92 -2.74 10.58
CA GLY A 777 -0.36 -2.07 9.41
C GLY A 777 -1.31 -1.89 8.24
N CYS A 778 -2.60 -2.24 8.42
CA CYS A 778 -3.62 -2.13 7.36
C CYS A 778 -4.70 -1.09 7.74
N SER A 779 -4.32 -0.07 8.55
CA SER A 779 -5.21 1.01 8.98
C SER A 779 -4.74 2.32 8.31
N ILE A 780 -5.34 3.47 8.69
CA ILE A 780 -4.95 4.77 8.12
C ILE A 780 -3.47 5.12 8.43
N ASN A 781 -2.97 4.72 9.61
CA ASN A 781 -1.59 4.98 10.01
C ASN A 781 -0.56 4.21 9.16
N GLY A 782 -0.96 3.07 8.60
CA GLY A 782 -0.08 2.26 7.74
C GLY A 782 1.01 1.55 8.51
N PHE A 783 2.23 1.52 7.93
CA PHE A 783 3.39 0.84 8.54
C PHE A 783 3.81 1.44 9.89
N LYS A 784 3.42 2.69 10.21
CA LYS A 784 3.72 3.30 11.52
C LYS A 784 3.31 2.38 12.68
N ASP A 785 2.17 1.65 12.54
CA ASP A 785 1.70 0.70 13.55
C ASP A 785 2.68 -0.47 13.72
N ILE A 786 3.25 -0.97 12.60
CA ILE A 786 4.25 -2.05 12.64
C ILE A 786 5.56 -1.49 13.19
N LYS A 787 5.99 -0.30 12.71
CA LYS A 787 7.24 0.34 13.13
C LYS A 787 7.24 0.71 14.63
N GLU A 788 6.09 1.20 15.16
CA GLU A 788 5.98 1.57 16.58
C GLU A 788 5.59 0.39 17.49
N HIS A 789 5.62 -0.87 16.99
CA HIS A 789 5.29 -2.04 17.79
C HIS A 789 6.38 -2.29 18.85
N ALA A 790 6.00 -2.95 19.97
CA ALA A 790 6.91 -3.30 21.07
C ALA A 790 8.10 -4.16 20.61
N PHE A 791 7.93 -4.93 19.52
CA PHE A 791 9.00 -5.76 18.95
C PHE A 791 10.17 -4.88 18.48
N PHE A 792 9.88 -3.69 17.90
CA PHE A 792 10.90 -2.73 17.43
C PHE A 792 11.16 -1.58 18.43
N GLY A 793 10.94 -1.80 19.73
CA GLY A 793 11.14 -0.80 20.76
C GLY A 793 12.55 -0.23 20.83
N ASN A 794 13.55 -1.12 20.77
CA ASN A 794 14.98 -0.74 20.82
C ASN A 794 15.62 -0.56 19.43
N PHE A 795 14.84 -0.75 18.34
CA PHE A 795 15.34 -0.64 16.97
C PHE A 795 15.33 0.79 16.47
N ASN A 796 16.44 1.23 15.87
CA ASN A 796 16.61 2.57 15.31
C ASN A 796 16.36 2.52 13.80
N TRP A 797 15.20 3.01 13.34
CA TRP A 797 14.82 3.01 11.93
C TRP A 797 15.65 4.01 11.10
N ASP A 798 16.17 5.09 11.72
CA ASP A 798 17.01 6.06 11.01
C ASP A 798 18.36 5.45 10.62
N LYS A 799 18.98 4.71 11.55
CA LYS A 799 20.28 4.07 11.32
C LYS A 799 20.22 2.92 10.29
N LEU A 800 19.05 2.28 10.09
CA LEU A 800 18.93 1.19 9.12
C LEU A 800 19.05 1.71 7.69
N ALA A 801 18.17 2.66 7.31
CA ALA A 801 18.17 3.26 5.96
C ALA A 801 19.50 3.98 5.64
N GLY A 802 20.12 4.57 6.65
CA GLY A 802 21.40 5.26 6.52
C GLY A 802 22.63 4.37 6.57
N ARG A 803 22.46 3.03 6.64
CA ARG A 803 23.53 2.04 6.69
C ARG A 803 24.51 2.33 7.84
N LEU A 804 23.97 2.46 9.06
CA LEU A 804 24.73 2.75 10.29
C LEU A 804 24.64 1.60 11.33
N LEU A 805 23.91 0.50 11.03
CA LEU A 805 23.79 -0.64 11.95
C LEU A 805 24.69 -1.78 11.48
N GLU A 806 25.22 -2.58 12.44
CA GLU A 806 26.05 -3.73 12.10
C GLU A 806 25.08 -4.85 11.66
N PRO A 807 25.19 -5.41 10.42
CA PRO A 807 24.23 -6.45 10.02
C PRO A 807 24.48 -7.81 10.68
N PRO A 808 23.49 -8.75 10.61
CA PRO A 808 23.67 -10.06 11.23
C PRO A 808 24.78 -10.92 10.61
N LEU A 809 24.86 -10.93 9.28
CA LEU A 809 25.84 -11.71 8.53
C LEU A 809 26.46 -10.87 7.42
N VAL A 810 27.79 -11.00 7.25
CA VAL A 810 28.55 -10.30 6.20
C VAL A 810 29.30 -11.36 5.38
N SER A 811 29.20 -11.28 4.05
CA SER A 811 29.81 -12.27 3.15
C SER A 811 31.33 -12.11 3.08
N LYS A 812 32.07 -13.22 3.33
CA LYS A 812 33.53 -13.24 3.23
C LYS A 812 33.84 -13.42 1.75
N GLY A 813 34.02 -12.32 1.04
CA GLY A 813 34.24 -12.30 -0.40
C GLY A 813 32.93 -12.15 -1.15
N GLU A 814 32.65 -13.07 -2.10
CA GLU A 814 31.41 -13.06 -2.88
C GLU A 814 30.73 -14.42 -2.82
N THR A 815 29.38 -14.45 -2.83
CA THR A 815 28.58 -15.68 -2.76
C THR A 815 27.50 -15.65 -3.84
N TYR A 816 27.22 -16.82 -4.47
CA TYR A 816 26.20 -16.97 -5.51
C TYR A 816 25.49 -18.32 -5.38
N ALA A 817 24.24 -18.40 -5.86
CA ALA A 817 23.44 -19.63 -5.80
C ALA A 817 23.92 -20.64 -6.84
#